data_8SWY
#
_entry.id   8SWY
#
_cell.length_a   116.904
_cell.length_b   151.699
_cell.length_c   104.601
_cell.angle_alpha   90.00
_cell.angle_beta   90.00
_cell.angle_gamma   90.00
#
_symmetry.space_group_name_H-M   'C 2 2 21'
#
loop_
_entity.id
_entity.type
_entity.pdbx_description
1 polymer 'Protein mono-ADP-ribosyltransferase PARP4'
2 non-polymer '1,4-DIHYDRONICOTINAMIDE ADENINE DINUCLEOTIDE'
3 non-polymer GLYCEROL
4 water water
#
_entity_poly.entity_id   1
_entity_poly.type   'polypeptide(L)'
_entity_poly.pdbx_seq_one_letter_code
;SSEQLQALLLEEVMNSSTLSQEVSDLVEMIWAEALGHLEHMLGSGSGSGGSKPNPPSLAKYRALRCKIEHVEQNTEEFLR
VRKEVLQNHHSKSPVDVLQIFRVGRVNETTEFLSKLGNVRPLLHGSPVQNIVGILCRGLLLPKVVEDRGVQRTDVGNLGS
GIYFSDSLSTSIKYSHPGETDGTRLLLICDVALGKCMDLHEKDFSLTEAPPGYDSVHGVSQTASVTTDFEDDEFVVYKTN
QVKMKYIIKFSMPGDQIKD
;
_entity_poly.pdbx_strand_id   A,B,C
#
loop_
_chem_comp.id
_chem_comp.type
_chem_comp.name
_chem_comp.formula
GOL non-polymer GLYCEROL 'C3 H8 O3'
NAI non-polymer '1,4-DIHYDRONICOTINAMIDE ADENINE DINUCLEOTIDE' 'C21 H29 N7 O14 P2'
#
# COMPACT_ATOMS: atom_id res chain seq x y z
N SER A 2 -65.40 -31.42 17.97
CA SER A 2 -64.05 -31.65 18.46
C SER A 2 -63.21 -30.39 18.29
N GLU A 3 -62.37 -30.12 19.27
CA GLU A 3 -61.36 -29.09 19.15
C GLU A 3 -60.03 -29.59 18.61
N GLN A 4 -59.82 -30.90 18.47
CA GLN A 4 -58.61 -31.31 17.79
C GLN A 4 -58.66 -30.92 16.31
N LEU A 5 -59.84 -30.90 15.71
CA LEU A 5 -59.98 -30.37 14.36
C LEU A 5 -59.50 -28.93 14.30
N GLN A 6 -60.06 -28.08 15.15
CA GLN A 6 -59.74 -26.66 15.16
C GLN A 6 -58.24 -26.45 15.39
N ALA A 7 -57.64 -27.24 16.29
CA ALA A 7 -56.23 -27.06 16.57
C ALA A 7 -55.36 -27.33 15.35
N LEU A 8 -55.73 -28.33 14.52
CA LEU A 8 -54.88 -28.62 13.37
C LEU A 8 -55.01 -27.58 12.26
N LEU A 9 -56.19 -27.03 12.04
CA LEU A 9 -56.28 -25.96 11.05
C LEU A 9 -55.44 -24.75 11.48
N LEU A 10 -55.42 -24.45 12.78
CA LEU A 10 -54.61 -23.32 13.25
C LEU A 10 -53.13 -23.61 13.09
N GLU A 11 -52.75 -24.88 13.24
CA GLU A 11 -51.32 -25.24 13.14
C GLU A 11 -50.91 -25.08 11.68
N GLU A 12 -51.83 -25.37 10.75
CA GLU A 12 -51.51 -25.15 9.33
C GLU A 12 -51.22 -23.65 9.14
N VAL A 13 -52.09 -22.81 9.65
CA VAL A 13 -51.88 -21.34 9.56
C VAL A 13 -50.52 -21.01 10.16
N MET A 14 -50.22 -21.52 11.35
CA MET A 14 -48.96 -21.15 11.99
C MET A 14 -47.75 -21.61 11.17
N ASN A 15 -47.87 -22.77 10.50
CA ASN A 15 -46.82 -23.28 9.62
C ASN A 15 -46.65 -22.42 8.38
N SER A 16 -47.75 -22.05 7.74
CA SER A 16 -47.67 -21.23 6.53
C SER A 16 -47.01 -19.88 6.79
N SER A 17 -47.25 -19.30 7.95
CA SER A 17 -46.76 -17.94 8.19
C SER A 17 -45.27 -17.90 8.47
N THR A 18 -44.59 -19.05 8.59
CA THR A 18 -43.15 -19.06 8.73
C THR A 18 -42.44 -18.48 7.50
N LEU A 19 -43.14 -18.42 6.37
CA LEU A 19 -42.66 -17.83 5.13
C LEU A 19 -43.28 -16.44 5.01
N SER A 20 -42.45 -15.40 5.01
CA SER A 20 -42.99 -14.05 4.83
C SER A 20 -43.43 -13.83 3.38
N GLN A 21 -44.06 -12.68 3.13
CA GLN A 21 -44.52 -12.39 1.76
C GLN A 21 -43.36 -12.06 0.84
N GLU A 22 -42.42 -11.24 1.31
CA GLU A 22 -41.29 -10.83 0.49
C GLU A 22 -40.40 -12.02 0.13
N VAL A 23 -40.15 -12.92 1.09
CA VAL A 23 -39.39 -14.13 0.83
C VAL A 23 -40.16 -15.09 -0.07
N SER A 24 -41.47 -15.22 0.13
CA SER A 24 -42.26 -16.07 -0.76
C SER A 24 -42.21 -15.55 -2.20
N ASP A 25 -42.25 -14.22 -2.38
CA ASP A 25 -42.12 -13.62 -3.71
C ASP A 25 -40.77 -13.98 -4.33
N LEU A 26 -39.70 -13.82 -3.56
CA LEU A 26 -38.36 -14.11 -4.05
C LEU A 26 -38.23 -15.56 -4.46
N VAL A 27 -38.71 -16.49 -3.61
CA VAL A 27 -38.64 -17.91 -3.91
C VAL A 27 -39.34 -18.22 -5.24
N GLU A 28 -40.51 -17.63 -5.45
CA GLU A 28 -41.22 -17.86 -6.71
C GLU A 28 -40.48 -17.28 -7.91
N MET A 29 -39.83 -16.13 -7.73
CA MET A 29 -39.18 -15.52 -8.88
C MET A 29 -37.97 -16.33 -9.33
N ILE A 30 -37.11 -16.71 -8.39
CA ILE A 30 -35.93 -17.47 -8.78
C ILE A 30 -36.31 -18.87 -9.23
N TRP A 31 -37.43 -19.40 -8.71
CA TRP A 31 -37.98 -20.65 -9.22
C TRP A 31 -38.58 -20.47 -10.61
N ALA A 32 -39.29 -19.37 -10.84
CA ALA A 32 -39.78 -19.12 -12.18
C ALA A 32 -38.62 -18.99 -13.17
N GLU A 33 -37.52 -18.37 -12.72
CA GLU A 33 -36.41 -18.11 -13.63
C GLU A 33 -35.69 -19.38 -14.04
N ALA A 34 -35.53 -20.33 -13.12
CA ALA A 34 -34.83 -21.54 -13.46
C ALA A 34 -35.69 -22.44 -14.36
N LEU A 35 -36.99 -22.52 -14.05
CA LEU A 35 -37.93 -23.26 -14.90
C LEU A 35 -38.04 -22.63 -16.28
N GLY A 36 -38.25 -21.32 -16.34
CA GLY A 36 -38.30 -20.65 -17.62
C GLY A 36 -37.06 -20.91 -18.46
N HIS A 37 -35.91 -21.08 -17.80
CA HIS A 37 -34.66 -21.25 -18.51
C HIS A 37 -34.53 -22.68 -19.05
N LEU A 38 -34.94 -23.66 -18.25
CA LEU A 38 -34.93 -25.05 -18.71
C LEU A 38 -35.96 -25.28 -19.82
N GLU A 39 -37.17 -24.74 -19.63
CA GLU A 39 -38.19 -24.80 -20.67
C GLU A 39 -37.64 -24.28 -21.99
N HIS A 40 -37.00 -23.11 -21.93
CA HIS A 40 -36.45 -22.47 -23.12
C HIS A 40 -35.32 -23.28 -23.75
N MET A 41 -34.55 -24.02 -22.94
CA MET A 41 -33.56 -24.90 -23.54
C MET A 41 -34.20 -26.00 -24.38
N LEU A 42 -35.43 -26.40 -24.05
CA LEU A 42 -36.02 -27.61 -24.62
C LEU A 42 -37.29 -27.36 -25.40
N GLY A 43 -37.62 -26.10 -25.70
CA GLY A 43 -38.87 -25.77 -26.35
C GLY A 43 -40.02 -25.41 -25.42
N SER A 44 -40.48 -26.37 -24.63
CA SER A 44 -41.57 -26.16 -23.66
C SER A 44 -41.71 -27.37 -22.73
N PRO A 53 -53.57 -11.77 -2.81
CA PRO A 53 -52.34 -11.74 -3.60
C PRO A 53 -52.02 -13.07 -4.31
N ASN A 54 -51.45 -14.04 -3.58
CA ASN A 54 -51.07 -15.32 -4.16
C ASN A 54 -50.73 -16.31 -3.05
N PRO A 55 -51.06 -17.60 -3.21
CA PRO A 55 -50.86 -18.58 -2.13
C PRO A 55 -49.39 -18.77 -1.79
N PRO A 56 -49.09 -19.25 -0.58
CA PRO A 56 -47.68 -19.41 -0.18
C PRO A 56 -47.01 -20.57 -0.92
N SER A 57 -45.76 -20.34 -1.29
CA SER A 57 -44.94 -21.34 -1.98
C SER A 57 -43.96 -21.96 -1.00
N LEU A 58 -44.55 -22.60 0.00
CA LEU A 58 -43.80 -23.21 1.09
C LEU A 58 -43.03 -24.44 0.64
N ALA A 59 -43.58 -25.21 -0.29
CA ALA A 59 -42.84 -26.36 -0.79
C ALA A 59 -41.56 -25.93 -1.51
N LYS A 60 -41.62 -24.89 -2.35
CA LYS A 60 -40.43 -24.43 -3.06
C LYS A 60 -39.37 -23.93 -2.07
N TYR A 61 -39.79 -23.15 -1.07
CA TYR A 61 -38.84 -22.62 -0.10
C TYR A 61 -38.23 -23.72 0.76
N ARG A 62 -39.03 -24.70 1.18
CA ARG A 62 -38.46 -25.79 1.97
C ARG A 62 -37.44 -26.60 1.17
N ALA A 63 -37.59 -26.69 -0.15
CA ALA A 63 -36.67 -27.46 -0.96
C ALA A 63 -35.33 -26.78 -1.14
N LEU A 64 -35.24 -25.47 -0.86
CA LEU A 64 -33.95 -24.80 -0.90
C LEU A 64 -33.07 -25.17 0.27
N ARG A 65 -33.66 -25.72 1.33
CA ARG A 65 -32.94 -26.03 2.57
C ARG A 65 -32.06 -24.85 2.96
N CYS A 66 -32.61 -23.65 2.86
CA CYS A 66 -31.84 -22.44 3.05
C CYS A 66 -32.78 -21.40 3.63
N LYS A 67 -32.45 -20.91 4.83
CA LYS A 67 -33.27 -19.93 5.54
C LYS A 67 -33.08 -18.54 4.94
N ILE A 68 -34.20 -17.84 4.69
CA ILE A 68 -34.21 -16.53 4.04
C ILE A 68 -35.15 -15.62 4.83
N GLU A 69 -34.61 -14.52 5.36
CA GLU A 69 -35.38 -13.54 6.13
C GLU A 69 -35.29 -12.19 5.42
N HIS A 70 -36.43 -11.56 5.18
CA HIS A 70 -36.41 -10.26 4.54
C HIS A 70 -35.90 -9.22 5.52
N VAL A 71 -35.01 -8.35 5.06
CA VAL A 71 -34.54 -7.23 5.89
C VAL A 71 -35.25 -5.97 5.39
N GLU A 72 -35.99 -5.33 6.29
CA GLU A 72 -36.91 -4.24 5.96
C GLU A 72 -36.17 -2.94 5.68
N GLN A 73 -36.68 -2.19 4.69
CA GLN A 73 -35.96 -1.08 4.07
C GLN A 73 -35.66 0.07 5.03
N ASN A 74 -36.25 0.10 6.22
CA ASN A 74 -36.01 1.20 7.14
C ASN A 74 -35.16 0.81 8.33
N THR A 75 -34.74 -0.45 8.43
CA THR A 75 -34.03 -0.88 9.62
C THR A 75 -32.55 -0.53 9.52
N GLU A 76 -31.88 -0.56 10.68
CA GLU A 76 -30.44 -0.32 10.75
C GLU A 76 -29.67 -1.25 9.83
N GLU A 77 -30.06 -2.53 9.80
CA GLU A 77 -29.32 -3.52 9.02
C GLU A 77 -29.37 -3.20 7.53
N PHE A 78 -30.58 -2.90 7.01
CA PHE A 78 -30.75 -2.56 5.60
C PHE A 78 -29.89 -1.38 5.17
N LEU A 79 -29.98 -0.26 5.89
CA LEU A 79 -29.23 0.92 5.46
C LEU A 79 -27.73 0.67 5.49
N ARG A 80 -27.26 -0.13 6.46
CA ARG A 80 -25.82 -0.40 6.57
C ARG A 80 -25.34 -1.33 5.46
N VAL A 81 -26.09 -2.40 5.20
CA VAL A 81 -25.67 -3.37 4.18
C VAL A 81 -25.85 -2.78 2.79
N ARG A 82 -26.90 -1.99 2.58
CA ARG A 82 -27.01 -1.20 1.36
C ARG A 82 -25.77 -0.32 1.19
N LYS A 83 -25.36 0.35 2.26
CA LYS A 83 -24.20 1.23 2.16
C LYS A 83 -22.95 0.46 1.78
N GLU A 84 -22.74 -0.70 2.39
CA GLU A 84 -21.53 -1.49 2.13
C GLU A 84 -21.47 -2.01 0.70
N VAL A 85 -22.63 -2.33 0.11
CA VAL A 85 -22.70 -2.80 -1.27
C VAL A 85 -22.28 -1.70 -2.24
N LEU A 86 -22.74 -0.47 -1.99
CA LEU A 86 -22.50 0.69 -2.83
C LEU A 86 -21.17 1.36 -2.53
N GLN A 87 -20.44 0.87 -1.54
CA GLN A 87 -19.28 1.58 -1.04
C GLN A 87 -18.20 1.71 -2.09
N ASN A 88 -17.96 0.64 -2.85
CA ASN A 88 -16.96 0.62 -3.91
C ASN A 88 -17.57 0.59 -5.30
N HIS A 89 -18.67 1.32 -5.50
CA HIS A 89 -19.27 1.40 -6.86
C HIS A 89 -18.55 2.50 -7.64
N HIS A 90 -17.38 2.18 -8.19
CA HIS A 90 -16.56 3.20 -8.87
C HIS A 90 -17.08 3.49 -10.28
N SER A 91 -18.19 2.85 -10.66
CA SER A 91 -18.78 3.14 -11.99
C SER A 91 -19.71 4.35 -11.86
N LYS A 92 -20.22 4.59 -10.65
CA LYS A 92 -21.15 5.72 -10.42
C LYS A 92 -22.37 5.56 -11.34
N SER A 93 -22.58 4.35 -11.86
CA SER A 93 -23.77 4.07 -12.70
C SER A 93 -24.98 3.89 -11.78
N PRO A 94 -26.15 4.51 -12.07
CA PRO A 94 -27.29 4.45 -11.16
C PRO A 94 -27.71 3.02 -10.77
N VAL A 95 -27.89 2.77 -9.48
CA VAL A 95 -28.29 1.41 -9.01
C VAL A 95 -29.39 1.59 -7.94
N ASP A 96 -30.49 0.86 -8.06
CA ASP A 96 -31.57 0.93 -7.05
C ASP A 96 -31.58 -0.35 -6.24
N VAL A 97 -31.02 -0.32 -5.02
CA VAL A 97 -31.05 -1.50 -4.14
C VAL A 97 -32.50 -1.73 -3.69
N LEU A 98 -33.14 -2.78 -4.23
CA LEU A 98 -34.55 -3.01 -3.97
C LEU A 98 -34.78 -3.72 -2.65
N GLN A 99 -34.19 -4.90 -2.48
CA GLN A 99 -34.47 -5.71 -1.31
C GLN A 99 -33.19 -6.39 -0.84
N ILE A 100 -33.18 -6.75 0.43
CA ILE A 100 -32.04 -7.40 1.06
C ILE A 100 -32.55 -8.57 1.89
N PHE A 101 -31.89 -9.71 1.81
CA PHE A 101 -32.32 -10.92 2.50
C PHE A 101 -31.14 -11.54 3.24
N ARG A 102 -31.29 -11.77 4.54
CA ARG A 102 -30.36 -12.64 5.25
C ARG A 102 -30.54 -14.07 4.77
N VAL A 103 -29.43 -14.78 4.59
CA VAL A 103 -29.44 -16.11 3.99
C VAL A 103 -28.66 -17.06 4.89
N GLY A 104 -29.15 -18.27 5.08
CA GLY A 104 -28.41 -19.21 5.90
C GLY A 104 -28.52 -20.65 5.48
N ARG A 105 -27.44 -21.22 4.95
CA ARG A 105 -27.48 -22.62 4.56
C ARG A 105 -27.23 -23.54 5.74
N VAL A 106 -27.93 -24.68 5.70
CA VAL A 106 -28.01 -25.58 6.85
C VAL A 106 -26.62 -25.97 7.36
N ASN A 107 -25.73 -26.44 6.47
CA ASN A 107 -24.40 -26.86 6.91
C ASN A 107 -23.33 -25.79 6.73
N GLU A 108 -23.63 -24.68 6.04
CA GLU A 108 -22.57 -23.74 5.71
C GLU A 108 -21.95 -23.13 6.96
N THR A 109 -22.79 -22.89 7.97
CA THR A 109 -22.36 -22.13 9.11
C THR A 109 -21.35 -22.91 9.95
N THR A 110 -21.41 -24.24 9.91
CA THR A 110 -20.58 -25.12 10.73
C THR A 110 -19.32 -25.60 10.02
N GLU A 111 -19.32 -25.70 8.68
CA GLU A 111 -18.15 -26.05 7.89
C GLU A 111 -17.25 -24.88 7.54
N PHE A 112 -17.66 -23.65 7.86
CA PHE A 112 -16.87 -22.47 7.48
C PHE A 112 -15.53 -22.47 8.19
N LEU A 113 -14.45 -22.25 7.42
CA LEU A 113 -13.09 -22.20 7.95
C LEU A 113 -12.75 -20.80 8.48
N SER A 114 -13.56 -20.32 9.44
CA SER A 114 -13.37 -18.98 9.98
C SER A 114 -12.02 -18.80 10.65
N LYS A 115 -11.38 -19.89 11.07
CA LYS A 115 -10.14 -19.81 11.82
C LYS A 115 -8.91 -19.61 10.95
N LEU A 116 -9.06 -19.53 9.63
CA LEU A 116 -7.97 -19.08 8.77
C LEU A 116 -7.64 -17.61 8.99
N GLY A 117 -8.57 -16.84 9.54
CA GLY A 117 -8.34 -15.42 9.62
C GLY A 117 -8.55 -14.73 8.27
N ASN A 118 -8.45 -13.42 8.32
CA ASN A 118 -8.66 -12.53 7.18
C ASN A 118 -9.99 -12.82 6.50
N VAL A 119 -11.04 -12.99 7.30
CA VAL A 119 -12.41 -13.08 6.80
C VAL A 119 -12.85 -11.69 6.36
N ARG A 120 -13.29 -11.57 5.12
CA ARG A 120 -13.84 -10.35 4.53
C ARG A 120 -15.20 -10.65 3.91
N PRO A 121 -16.12 -9.68 3.96
CA PRO A 121 -17.37 -9.79 3.20
C PRO A 121 -17.18 -9.34 1.76
N LEU A 122 -17.54 -10.18 0.81
CA LEU A 122 -17.32 -9.86 -0.61
C LEU A 122 -18.57 -10.18 -1.44
N LEU A 123 -18.56 -9.64 -2.65
CA LEU A 123 -19.67 -9.74 -3.60
C LEU A 123 -19.40 -10.83 -4.64
N HIS A 124 -20.44 -11.58 -4.98
CA HIS A 124 -20.38 -12.58 -6.04
C HIS A 124 -21.62 -12.41 -6.89
N GLY A 125 -21.43 -12.10 -8.16
CA GLY A 125 -22.54 -11.98 -9.07
C GLY A 125 -22.80 -13.30 -9.76
N SER A 126 -24.08 -13.54 -10.07
CA SER A 126 -24.53 -14.74 -10.79
C SER A 126 -25.83 -14.44 -11.52
N PRO A 127 -26.03 -15.01 -12.71
CA PRO A 127 -27.35 -14.94 -13.35
C PRO A 127 -28.44 -15.51 -12.45
N VAL A 128 -29.65 -14.99 -12.63
CA VAL A 128 -30.76 -15.27 -11.73
C VAL A 128 -31.13 -16.75 -11.74
N GLN A 129 -30.90 -17.44 -12.87
CA GLN A 129 -31.32 -18.83 -12.95
C GLN A 129 -30.40 -19.78 -12.20
N ASN A 130 -29.27 -19.30 -11.70
CA ASN A 130 -28.42 -20.13 -10.86
C ASN A 130 -28.79 -20.07 -9.39
N ILE A 131 -29.63 -19.12 -8.99
CA ILE A 131 -29.80 -18.78 -7.59
C ILE A 131 -30.42 -19.94 -6.80
N VAL A 132 -31.48 -20.57 -7.32
CA VAL A 132 -32.04 -21.72 -6.61
C VAL A 132 -30.96 -22.75 -6.34
N GLY A 133 -30.11 -23.03 -7.33
CA GLY A 133 -29.08 -24.03 -7.14
C GLY A 133 -28.01 -23.59 -6.19
N ILE A 134 -27.70 -22.29 -6.20
CA ILE A 134 -26.71 -21.73 -5.29
C ILE A 134 -27.20 -21.79 -3.84
N LEU A 135 -28.49 -21.50 -3.62
CA LEU A 135 -29.05 -21.55 -2.27
C LEU A 135 -29.11 -22.97 -1.75
N CYS A 136 -29.45 -23.92 -2.61
CA CYS A 136 -29.53 -25.31 -2.17
C CYS A 136 -28.15 -25.94 -1.94
N ARG A 137 -27.14 -25.56 -2.71
CA ARG A 137 -25.87 -26.29 -2.71
C ARG A 137 -24.68 -25.47 -2.24
N GLY A 138 -24.79 -24.16 -2.14
CA GLY A 138 -23.64 -23.30 -1.94
C GLY A 138 -22.93 -23.04 -3.26
N LEU A 139 -22.07 -22.03 -3.26
CA LEU A 139 -21.14 -21.88 -4.38
C LEU A 139 -20.24 -23.11 -4.50
N LEU A 140 -20.12 -23.66 -5.69
CA LEU A 140 -19.33 -24.87 -5.91
C LEU A 140 -18.12 -24.56 -6.75
N LEU A 141 -17.09 -25.38 -6.60
CA LEU A 141 -15.93 -25.28 -7.48
C LEU A 141 -16.31 -25.74 -8.89
N PRO A 142 -15.75 -25.11 -9.92
CA PRO A 142 -15.96 -25.62 -11.28
C PRO A 142 -15.23 -26.92 -11.48
N LYS A 143 -15.69 -27.71 -12.48
CA LYS A 143 -14.96 -28.92 -12.89
C LYS A 143 -13.69 -28.60 -13.70
N VAL A 144 -12.56 -29.18 -13.29
CA VAL A 144 -11.29 -28.96 -13.98
C VAL A 144 -11.28 -29.79 -15.27
N VAL A 145 -10.82 -29.19 -16.36
CA VAL A 145 -10.72 -29.87 -17.64
C VAL A 145 -9.39 -30.59 -17.72
N GLU A 146 -9.42 -31.86 -18.17
CA GLU A 146 -8.22 -32.69 -18.21
C GLU A 146 -8.13 -33.62 -19.42
N ASP A 147 -9.24 -33.99 -20.07
CA ASP A 147 -9.21 -34.95 -21.18
C ASP A 147 -8.94 -34.29 -22.54
N ARG A 148 -9.21 -32.99 -22.67
CA ARG A 148 -8.89 -32.24 -23.87
C ARG A 148 -8.16 -30.96 -23.47
N GLY A 149 -7.68 -30.23 -24.47
CA GLY A 149 -7.02 -28.96 -24.19
C GLY A 149 -7.93 -28.03 -23.41
N VAL A 150 -7.35 -27.35 -22.42
CA VAL A 150 -8.09 -26.43 -21.57
C VAL A 150 -8.29 -25.12 -22.33
N GLN A 151 -9.55 -24.71 -22.46
CA GLN A 151 -9.95 -23.51 -23.18
C GLN A 151 -10.30 -22.38 -22.22
N ARG A 152 -10.20 -21.15 -22.72
CA ARG A 152 -10.45 -19.96 -21.92
C ARG A 152 -11.93 -19.71 -21.66
N THR A 153 -12.83 -20.50 -22.23
CA THR A 153 -14.25 -20.47 -21.88
C THR A 153 -14.60 -21.50 -20.82
N ASP A 154 -13.64 -22.33 -20.45
CA ASP A 154 -13.83 -23.32 -19.40
C ASP A 154 -13.18 -22.91 -18.09
N VAL A 155 -12.48 -21.78 -18.04
CA VAL A 155 -11.63 -21.42 -16.91
C VAL A 155 -11.65 -19.91 -16.68
N GLY A 156 -11.90 -19.49 -15.43
CA GLY A 156 -11.64 -18.12 -15.06
C GLY A 156 -10.18 -17.75 -15.23
N ASN A 157 -9.90 -16.46 -15.28
CA ASN A 157 -8.51 -16.09 -15.56
C ASN A 157 -7.59 -16.33 -14.37
N LEU A 158 -8.07 -16.91 -13.27
CA LEU A 158 -7.20 -17.36 -12.19
C LEU A 158 -7.51 -18.82 -11.85
N GLY A 159 -7.85 -19.62 -12.86
CA GLY A 159 -7.98 -21.04 -12.65
C GLY A 159 -9.33 -21.44 -12.10
N SER A 160 -9.39 -22.70 -11.67
CA SER A 160 -10.65 -23.34 -11.28
C SER A 160 -10.98 -23.06 -9.81
N GLY A 161 -11.38 -21.82 -9.53
CA GLY A 161 -11.79 -21.48 -8.17
C GLY A 161 -13.14 -20.79 -8.09
N ILE A 162 -13.48 -20.29 -6.91
CA ILE A 162 -14.70 -19.50 -6.70
C ILE A 162 -14.32 -18.02 -6.63
N TYR A 163 -14.98 -17.20 -7.45
CA TYR A 163 -14.56 -15.82 -7.73
C TYR A 163 -15.44 -14.79 -7.02
N PHE A 164 -14.80 -13.80 -6.40
CA PHE A 164 -15.49 -12.71 -5.73
C PHE A 164 -14.86 -11.38 -6.15
N SER A 165 -15.57 -10.30 -5.86
CA SER A 165 -15.03 -8.95 -5.99
C SER A 165 -15.39 -8.14 -4.75
N ASP A 166 -14.63 -7.06 -4.56
CA ASP A 166 -14.95 -6.08 -3.54
C ASP A 166 -15.75 -4.91 -4.09
N SER A 167 -16.16 -4.98 -5.36
CA SER A 167 -16.72 -3.85 -6.07
C SER A 167 -18.07 -4.25 -6.67
N LEU A 168 -19.09 -3.42 -6.43
CA LEU A 168 -20.37 -3.62 -7.11
C LEU A 168 -20.23 -3.41 -8.62
N SER A 169 -19.30 -2.55 -9.05
CA SER A 169 -19.06 -2.35 -10.47
C SER A 169 -18.70 -3.65 -11.16
N THR A 170 -17.93 -4.49 -10.49
CA THR A 170 -17.53 -5.77 -11.08
C THR A 170 -18.69 -6.76 -11.08
N SER A 171 -19.40 -6.86 -9.93
CA SER A 171 -20.47 -7.84 -9.80
C SER A 171 -21.56 -7.63 -10.85
N ILE A 172 -21.74 -6.39 -11.30
CA ILE A 172 -22.77 -6.08 -12.29
C ILE A 172 -22.50 -6.77 -13.62
N LYS A 173 -21.24 -7.15 -13.90
CA LYS A 173 -20.89 -7.91 -15.10
C LYS A 173 -21.35 -9.37 -15.04
N TYR A 174 -21.70 -9.90 -13.87
CA TYR A 174 -22.12 -11.29 -13.73
C TYR A 174 -23.53 -11.47 -13.21
N SER A 175 -24.14 -10.41 -12.68
CA SER A 175 -25.54 -10.38 -12.26
C SER A 175 -26.33 -9.80 -13.44
N HIS A 176 -26.72 -10.67 -14.36
CA HIS A 176 -27.51 -10.23 -15.50
C HIS A 176 -29.00 -10.10 -15.15
N PRO A 177 -29.71 -9.21 -15.82
CA PRO A 177 -31.14 -9.08 -15.55
C PRO A 177 -31.84 -10.39 -15.87
N GLY A 178 -32.76 -10.78 -15.01
CA GLY A 178 -33.53 -11.97 -15.25
C GLY A 178 -34.66 -11.70 -16.22
N GLU A 179 -35.03 -12.74 -16.98
CA GLU A 179 -36.10 -12.59 -17.96
C GLU A 179 -37.46 -12.41 -17.27
N THR A 180 -37.62 -12.95 -16.06
CA THR A 180 -38.88 -12.83 -15.33
C THR A 180 -39.26 -11.37 -15.04
N ASP A 181 -38.46 -10.68 -14.22
CA ASP A 181 -38.81 -9.32 -13.82
C ASP A 181 -37.69 -8.31 -14.07
N GLY A 182 -36.63 -8.69 -14.77
CA GLY A 182 -35.60 -7.74 -15.15
C GLY A 182 -34.69 -7.25 -14.04
N THR A 183 -34.89 -7.72 -12.82
CA THR A 183 -34.05 -7.31 -11.70
C THR A 183 -32.82 -8.23 -11.61
N ARG A 184 -31.82 -7.76 -10.88
CA ARG A 184 -30.55 -8.44 -10.74
C ARG A 184 -30.34 -8.91 -9.31
N LEU A 185 -29.61 -9.99 -9.15
CA LEU A 185 -29.29 -10.52 -7.84
C LEU A 185 -27.78 -10.64 -7.73
N LEU A 186 -27.22 -10.24 -6.60
CA LEU A 186 -25.87 -10.67 -6.25
C LEU A 186 -25.86 -11.18 -4.82
N LEU A 187 -24.83 -11.93 -4.49
CA LEU A 187 -24.67 -12.47 -3.15
C LEU A 187 -23.59 -11.70 -2.39
N ILE A 188 -23.79 -11.58 -1.09
CA ILE A 188 -22.74 -11.11 -0.19
C ILE A 188 -22.29 -12.31 0.62
N CYS A 189 -20.98 -12.60 0.59
CA CYS A 189 -20.43 -13.74 1.28
C CYS A 189 -19.30 -13.34 2.20
N ASP A 190 -19.23 -14.00 3.36
CA ASP A 190 -18.00 -14.06 4.14
C ASP A 190 -17.01 -14.98 3.45
N VAL A 191 -15.84 -14.46 3.11
CA VAL A 191 -14.83 -15.26 2.44
C VAL A 191 -13.62 -15.31 3.35
N ALA A 192 -13.15 -16.53 3.67
CA ALA A 192 -11.98 -16.73 4.53
C ALA A 192 -10.74 -16.69 3.64
N LEU A 193 -10.17 -15.50 3.51
CA LEU A 193 -9.08 -15.28 2.58
C LEU A 193 -7.74 -15.80 3.10
N GLY A 194 -7.53 -15.84 4.40
CA GLY A 194 -6.27 -16.31 4.95
C GLY A 194 -5.10 -15.49 4.46
N LYS A 195 -3.97 -16.17 4.24
CA LYS A 195 -2.82 -15.58 3.54
C LYS A 195 -3.18 -15.45 2.06
N CYS A 196 -3.28 -14.22 1.59
CA CYS A 196 -3.82 -13.92 0.27
C CYS A 196 -2.66 -13.43 -0.58
N MET A 197 -2.41 -14.10 -1.70
CA MET A 197 -1.30 -13.73 -2.57
C MET A 197 -1.79 -12.76 -3.64
N ASP A 198 -1.09 -11.64 -3.78
CA ASP A 198 -1.39 -10.69 -4.86
C ASP A 198 -0.77 -11.16 -6.17
N LEU A 199 -1.53 -11.07 -7.26
CA LEU A 199 -1.07 -11.44 -8.60
C LEU A 199 -1.36 -10.33 -9.58
N HIS A 200 -0.43 -10.07 -10.50
CA HIS A 200 -0.66 -9.11 -11.56
C HIS A 200 -0.87 -9.77 -12.92
N GLU A 201 -0.64 -11.08 -13.05
CA GLU A 201 -0.77 -11.81 -14.31
C GLU A 201 -1.81 -12.94 -14.24
N LYS A 202 -2.45 -13.20 -15.38
CA LYS A 202 -3.36 -14.35 -15.46
C LYS A 202 -2.66 -15.66 -15.17
N ASP A 203 -3.42 -16.63 -14.64
CA ASP A 203 -2.93 -18.00 -14.45
C ASP A 203 -4.13 -18.97 -14.47
N PHE A 204 -4.49 -19.41 -15.68
CA PHE A 204 -5.62 -20.32 -15.89
C PHE A 204 -5.41 -21.71 -15.28
N SER A 205 -4.19 -22.06 -14.89
CA SER A 205 -3.89 -23.41 -14.45
C SER A 205 -4.09 -23.64 -12.96
N LEU A 206 -4.42 -22.62 -12.18
CA LEU A 206 -4.49 -22.81 -10.73
C LEU A 206 -5.68 -23.67 -10.34
N THR A 207 -5.45 -24.66 -9.47
CA THR A 207 -6.52 -25.44 -8.86
C THR A 207 -6.49 -25.34 -7.34
N GLU A 208 -5.50 -24.65 -6.79
CA GLU A 208 -5.43 -24.34 -5.37
C GLU A 208 -4.49 -23.16 -5.23
N ALA A 209 -4.59 -22.47 -4.10
CA ALA A 209 -3.72 -21.34 -3.87
C ALA A 209 -2.27 -21.80 -3.85
N PRO A 210 -1.32 -20.97 -4.27
CA PRO A 210 0.12 -21.33 -4.21
C PRO A 210 0.51 -21.85 -2.86
N PRO A 211 1.60 -22.62 -2.77
CA PRO A 211 2.05 -23.13 -1.47
C PRO A 211 2.22 -22.00 -0.45
N GLY A 212 1.74 -22.24 0.77
CA GLY A 212 1.81 -21.28 1.84
C GLY A 212 0.76 -20.19 1.82
N TYR A 213 -0.15 -20.19 0.85
CA TYR A 213 -1.18 -19.19 0.77
C TYR A 213 -2.53 -19.88 0.74
N ASP A 214 -3.58 -19.15 1.13
CA ASP A 214 -4.92 -19.71 1.14
C ASP A 214 -5.81 -19.14 0.06
N SER A 215 -5.39 -18.08 -0.62
CA SER A 215 -6.26 -17.44 -1.59
C SER A 215 -5.41 -16.50 -2.44
N VAL A 216 -6.05 -15.94 -3.45
CA VAL A 216 -5.35 -15.20 -4.49
C VAL A 216 -6.13 -13.94 -4.79
N HIS A 217 -5.40 -12.88 -5.18
CA HIS A 217 -6.00 -11.58 -5.45
C HIS A 217 -5.46 -11.12 -6.81
N GLY A 218 -6.33 -11.04 -7.82
CA GLY A 218 -5.90 -10.40 -9.05
C GLY A 218 -6.01 -8.91 -8.87
N VAL A 219 -4.89 -8.20 -8.93
CA VAL A 219 -4.85 -6.78 -8.62
C VAL A 219 -5.32 -5.99 -9.83
N SER A 220 -6.30 -5.10 -9.62
CA SER A 220 -6.85 -4.38 -10.76
C SER A 220 -5.86 -3.33 -11.28
N GLN A 221 -5.77 -3.23 -12.60
CA GLN A 221 -4.78 -2.36 -13.22
C GLN A 221 -5.01 -0.89 -12.88
N THR A 222 -3.90 -0.16 -12.77
CA THR A 222 -3.92 1.30 -12.62
C THR A 222 -2.90 1.90 -13.58
N ALA A 223 -2.90 3.22 -13.66
CA ALA A 223 -1.97 3.90 -14.55
C ALA A 223 -0.52 3.65 -14.14
N SER A 224 -0.26 3.50 -12.85
CA SER A 224 1.13 3.31 -12.43
C SER A 224 1.58 1.87 -12.64
N VAL A 225 0.67 0.92 -12.39
CA VAL A 225 0.96 -0.49 -12.36
C VAL A 225 -0.02 -1.17 -13.32
N THR A 226 0.48 -1.61 -14.48
CA THR A 226 -0.36 -2.35 -15.40
C THR A 226 -0.44 -3.80 -14.93
N THR A 227 -1.60 -4.42 -15.12
CA THR A 227 -1.81 -5.81 -14.75
C THR A 227 -2.74 -6.43 -15.80
N ASP A 228 -2.94 -7.74 -15.69
CA ASP A 228 -3.89 -8.42 -16.56
C ASP A 228 -5.33 -8.28 -16.11
N PHE A 229 -5.63 -7.55 -15.06
CA PHE A 229 -6.96 -7.56 -14.47
C PHE A 229 -7.58 -6.18 -14.54
N GLU A 230 -8.70 -6.06 -15.23
CA GLU A 230 -9.48 -4.83 -15.11
C GLU A 230 -10.11 -4.72 -13.73
N ASP A 231 -10.58 -5.82 -13.17
CA ASP A 231 -11.29 -5.79 -11.92
C ASP A 231 -10.45 -6.43 -10.84
N ASP A 232 -10.76 -6.09 -9.59
CA ASP A 232 -10.18 -6.82 -8.50
C ASP A 232 -10.94 -8.13 -8.35
N GLU A 233 -10.20 -9.22 -8.31
CA GLU A 233 -10.79 -10.54 -8.21
C GLU A 233 -10.18 -11.21 -6.99
N PHE A 234 -11.02 -11.82 -6.17
CA PHE A 234 -10.58 -12.60 -5.04
C PHE A 234 -11.03 -14.01 -5.29
N VAL A 235 -10.10 -14.97 -5.19
CA VAL A 235 -10.39 -16.34 -5.57
C VAL A 235 -9.98 -17.28 -4.46
N VAL A 236 -10.89 -18.17 -4.07
CA VAL A 236 -10.56 -19.26 -3.15
C VAL A 236 -10.87 -20.58 -3.84
N TYR A 237 -10.26 -21.64 -3.31
CA TYR A 237 -10.27 -22.91 -4.01
C TYR A 237 -10.86 -24.01 -3.15
N LYS A 238 -11.58 -23.57 -2.10
CA LYS A 238 -12.24 -24.52 -1.15
C LYS A 238 -13.63 -23.98 -0.83
N THR A 239 -14.67 -24.80 -0.97
CA THR A 239 -16.04 -24.33 -0.80
C THR A 239 -16.28 -23.84 0.63
N ASN A 240 -15.56 -24.40 1.59
CA ASN A 240 -15.68 -24.03 2.99
C ASN A 240 -14.85 -22.81 3.36
N GLN A 241 -14.26 -22.14 2.39
CA GLN A 241 -13.77 -20.79 2.62
C GLN A 241 -14.83 -19.76 2.32
N VAL A 242 -16.08 -20.18 2.13
CA VAL A 242 -17.17 -19.31 1.69
C VAL A 242 -18.40 -19.55 2.57
N LYS A 243 -19.01 -18.46 3.03
CA LYS A 243 -20.26 -18.52 3.80
C LYS A 243 -21.15 -17.40 3.27
N MET A 244 -22.25 -17.78 2.62
CA MET A 244 -23.23 -16.81 2.11
C MET A 244 -23.93 -16.10 3.26
N LYS A 245 -24.20 -14.80 3.08
CA LYS A 245 -24.79 -14.00 4.15
C LYS A 245 -26.03 -13.23 3.69
N TYR A 246 -25.94 -12.58 2.55
CA TYR A 246 -27.03 -11.77 2.04
C TYR A 246 -27.30 -12.05 0.57
N ILE A 247 -28.56 -11.98 0.21
CA ILE A 247 -29.01 -11.82 -1.17
C ILE A 247 -29.42 -10.37 -1.35
N ILE A 248 -28.93 -9.76 -2.42
CA ILE A 248 -29.24 -8.37 -2.74
C ILE A 248 -29.95 -8.33 -4.07
N LYS A 249 -31.19 -7.83 -4.07
CA LYS A 249 -31.97 -7.58 -5.28
C LYS A 249 -31.85 -6.11 -5.65
N PHE A 250 -31.49 -5.84 -6.90
CA PHE A 250 -31.24 -4.49 -7.32
C PHE A 250 -31.63 -4.36 -8.78
N SER A 251 -31.59 -3.14 -9.27
CA SER A 251 -31.95 -2.88 -10.66
C SER A 251 -31.12 -1.72 -11.14
N MET A 252 -31.02 -1.60 -12.46
CA MET A 252 -30.31 -0.49 -13.03
C MET A 252 -31.24 0.18 -14.04
N PRO A 253 -31.48 1.49 -13.91
CA PRO A 253 -32.30 2.19 -14.91
C PRO A 253 -31.64 2.27 -16.28
N GLY A 254 -30.32 2.36 -16.30
CA GLY A 254 -29.66 2.27 -17.62
C GLY A 254 -30.20 1.08 -18.38
N ASP A 255 -30.76 0.09 -17.67
CA ASP A 255 -31.15 -1.21 -18.28
C ASP A 255 -32.43 -1.04 -19.11
N GLN A 256 -33.27 -0.07 -18.77
CA GLN A 256 -34.57 0.08 -19.47
C GLN A 256 -34.36 0.62 -20.89
N ILE A 257 -35.43 0.70 -21.68
CA ILE A 257 -35.35 1.22 -23.07
C ILE A 257 -34.02 0.75 -23.68
N SER B 2 32.23 21.30 -1.04
CA SER B 2 31.03 21.91 -0.46
C SER B 2 31.17 22.08 1.04
N GLU B 3 30.17 21.61 1.76
CA GLU B 3 30.27 21.42 3.20
C GLU B 3 30.83 20.04 3.52
N GLN B 4 31.03 19.22 2.48
CA GLN B 4 31.81 18.00 2.62
C GLN B 4 33.25 18.33 3.00
N LEU B 5 33.72 19.51 2.61
CA LEU B 5 35.05 20.01 2.96
C LEU B 5 35.24 20.11 4.46
N GLN B 6 34.40 20.91 5.13
CA GLN B 6 34.56 21.19 6.55
C GLN B 6 34.49 19.94 7.42
N ALA B 7 33.61 18.99 7.05
CA ALA B 7 33.42 17.79 7.87
C ALA B 7 34.70 16.99 8.02
N LEU B 8 35.55 16.99 6.98
CA LEU B 8 36.83 16.30 7.08
C LEU B 8 37.77 17.05 8.03
N LEU B 9 37.59 18.36 8.13
CA LEU B 9 38.51 19.19 8.96
C LEU B 9 38.28 18.90 10.44
N LEU B 10 37.04 18.58 10.82
CA LEU B 10 36.72 18.30 12.25
C LEU B 10 37.62 17.18 12.75
N GLU B 11 37.60 16.03 12.07
CA GLU B 11 38.47 14.89 12.47
C GLU B 11 39.87 15.43 12.75
N GLU B 12 40.41 16.25 11.84
CA GLU B 12 41.77 16.83 12.03
C GLU B 12 41.77 17.70 13.29
N VAL B 13 40.86 18.68 13.35
CA VAL B 13 40.82 19.62 14.51
C VAL B 13 40.35 18.86 15.76
N MET B 14 40.03 17.57 15.61
CA MET B 14 39.58 16.76 16.76
C MET B 14 40.59 15.65 17.06
N ASN B 15 40.15 14.56 17.69
CA ASN B 15 41.08 13.45 18.06
C ASN B 15 41.96 13.07 16.87
N SER B 16 43.25 12.89 17.10
CA SER B 16 44.15 12.41 16.02
C SER B 16 43.96 10.90 15.90
N SER B 17 44.13 10.17 17.01
CA SER B 17 43.93 8.70 17.00
C SER B 17 42.46 8.39 17.18
N THR B 18 41.62 8.90 16.28
CA THR B 18 40.19 8.57 16.33
C THR B 18 39.96 7.07 16.31
N LEU B 19 40.98 6.31 15.96
CA LEU B 19 40.88 4.87 15.77
C LEU B 19 41.19 4.15 17.09
N SER B 20 40.22 3.41 17.59
CA SER B 20 40.44 2.67 18.81
C SER B 20 41.35 1.48 18.53
N GLN B 21 41.75 0.80 19.61
CA GLN B 21 42.61 -0.37 19.47
C GLN B 21 41.88 -1.50 18.79
N GLU B 22 40.63 -1.75 19.20
CA GLU B 22 39.86 -2.86 18.65
C GLU B 22 39.57 -2.64 17.17
N VAL B 23 39.18 -1.43 16.79
CA VAL B 23 38.91 -1.20 15.37
C VAL B 23 40.21 -1.24 14.57
N SER B 24 41.26 -0.60 15.07
CA SER B 24 42.54 -0.65 14.37
C SER B 24 43.05 -2.08 14.24
N ASP B 25 42.90 -2.89 15.28
CA ASP B 25 43.20 -4.32 15.16
C ASP B 25 42.32 -4.98 14.11
N LEU B 26 41.01 -4.68 14.13
CA LEU B 26 40.09 -5.31 13.19
C LEU B 26 40.42 -4.94 11.75
N VAL B 27 40.69 -3.65 11.50
CA VAL B 27 41.02 -3.22 10.15
C VAL B 27 42.21 -4.00 9.62
N GLU B 28 43.26 -4.17 10.45
CA GLU B 28 44.44 -4.90 10.04
C GLU B 28 44.11 -6.36 9.72
N MET B 29 43.13 -6.92 10.42
CA MET B 29 42.85 -8.36 10.22
C MET B 29 42.19 -8.57 8.86
N ILE B 30 41.12 -7.82 8.59
CA ILE B 30 40.37 -8.10 7.36
C ILE B 30 41.17 -7.71 6.11
N TRP B 31 42.04 -6.71 6.21
CA TRP B 31 42.85 -6.39 5.05
C TRP B 31 43.87 -7.50 4.76
N ALA B 32 44.45 -8.08 5.81
CA ALA B 32 45.38 -9.19 5.59
C ALA B 32 44.66 -10.38 4.94
N GLU B 33 43.44 -10.68 5.37
CA GLU B 33 42.76 -11.87 4.87
C GLU B 33 42.39 -11.71 3.41
N ALA B 34 42.05 -10.50 2.98
CA ALA B 34 41.69 -10.29 1.58
C ALA B 34 42.93 -10.30 0.67
N LEU B 35 44.00 -9.61 1.08
CA LEU B 35 45.23 -9.68 0.29
C LEU B 35 45.77 -11.09 0.27
N GLY B 36 45.85 -11.74 1.44
CA GLY B 36 46.27 -13.13 1.50
C GLY B 36 45.47 -14.05 0.61
N HIS B 37 44.17 -13.76 0.45
CA HIS B 37 43.34 -14.60 -0.40
C HIS B 37 43.56 -14.31 -1.88
N LEU B 38 43.78 -13.03 -2.24
CA LEU B 38 44.09 -12.72 -3.63
C LEU B 38 45.45 -13.28 -4.00
N GLU B 39 46.45 -13.09 -3.12
CA GLU B 39 47.78 -13.67 -3.33
C GLU B 39 47.72 -15.16 -3.62
N HIS B 40 47.01 -15.90 -2.78
CA HIS B 40 46.95 -17.34 -2.94
C HIS B 40 46.24 -17.73 -4.23
N MET B 41 45.30 -16.92 -4.71
CA MET B 41 44.74 -17.21 -6.02
C MET B 41 45.81 -17.13 -7.11
N LEU B 42 46.89 -16.40 -6.86
CA LEU B 42 47.90 -16.09 -7.86
C LEU B 42 49.28 -16.63 -7.49
N ASN B 54 48.99 7.85 15.51
CA ASN B 54 48.24 7.45 14.30
C ASN B 54 49.03 6.40 13.52
N PRO B 55 48.87 5.08 13.83
CA PRO B 55 49.57 4.03 13.08
C PRO B 55 49.18 4.02 11.59
N PRO B 56 49.97 3.37 10.70
CA PRO B 56 49.60 3.25 9.27
C PRO B 56 48.25 2.57 9.05
N SER B 57 47.67 1.96 10.10
CA SER B 57 46.32 1.35 10.00
C SER B 57 45.25 2.42 9.72
N LEU B 58 45.54 3.69 10.03
CA LEU B 58 44.58 4.77 9.73
C LEU B 58 44.31 4.82 8.23
N ALA B 59 45.35 4.69 7.40
CA ALA B 59 45.16 4.66 5.93
C ALA B 59 44.28 3.46 5.55
N LYS B 60 44.57 2.30 6.14
CA LYS B 60 43.76 1.09 5.87
C LYS B 60 42.32 1.34 6.33
N TYR B 61 42.12 2.02 7.46
CA TYR B 61 40.77 2.35 7.90
C TYR B 61 40.10 3.31 6.93
N ARG B 62 40.79 4.37 6.57
CA ARG B 62 40.21 5.34 5.65
C ARG B 62 39.89 4.72 4.30
N ALA B 63 40.61 3.66 3.89
CA ALA B 63 40.34 3.06 2.59
C ALA B 63 39.04 2.25 2.57
N LEU B 64 38.49 1.91 3.74
CA LEU B 64 37.21 1.24 3.79
C LEU B 64 36.05 2.18 3.48
N ARG B 65 36.27 3.50 3.56
CA ARG B 65 35.20 4.45 3.34
C ARG B 65 33.96 4.11 4.19
N CYS B 66 34.22 3.69 5.42
CA CYS B 66 33.17 3.13 6.28
C CYS B 66 33.51 3.37 7.76
N LYS B 67 32.62 4.06 8.48
CA LYS B 67 32.85 4.30 9.91
C LYS B 67 32.63 3.04 10.73
N ILE B 68 33.58 2.74 11.62
CA ILE B 68 33.56 1.53 12.44
C ILE B 68 33.89 1.91 13.88
N GLU B 69 32.95 1.67 14.81
CA GLU B 69 33.12 1.95 16.23
C GLU B 69 32.99 0.66 17.05
N HIS B 70 33.96 0.41 17.93
CA HIS B 70 33.87 -0.75 18.79
C HIS B 70 32.78 -0.56 19.85
N VAL B 71 32.00 -1.62 20.09
CA VAL B 71 30.95 -1.63 21.11
C VAL B 71 31.44 -2.43 22.30
N GLU B 72 31.42 -1.80 23.47
CA GLU B 72 32.07 -2.33 24.67
C GLU B 72 31.28 -3.45 25.30
N GLN B 73 31.98 -4.46 25.82
CA GLN B 73 31.36 -5.71 26.26
C GLN B 73 30.40 -5.55 27.41
N ASN B 74 30.36 -4.38 28.07
CA ASN B 74 29.51 -4.24 29.26
C ASN B 74 28.31 -3.34 29.06
N THR B 75 28.16 -2.67 27.93
CA THR B 75 27.09 -1.69 27.83
C THR B 75 25.77 -2.36 27.41
N GLU B 76 24.70 -1.58 27.54
CA GLU B 76 23.38 -2.03 27.12
C GLU B 76 23.43 -2.54 25.69
N GLU B 77 24.17 -1.82 24.83
CA GLU B 77 24.22 -2.16 23.42
C GLU B 77 24.81 -3.53 23.20
N PHE B 78 25.96 -3.81 23.82
CA PHE B 78 26.59 -5.10 23.63
C PHE B 78 25.64 -6.23 24.02
N LEU B 79 25.10 -6.18 25.24
CA LEU B 79 24.27 -7.27 25.73
C LEU B 79 23.00 -7.44 24.90
N ARG B 80 22.44 -6.34 24.40
CA ARG B 80 21.20 -6.42 23.63
C ARG B 80 21.44 -7.04 22.26
N VAL B 81 22.54 -6.62 21.61
CA VAL B 81 22.85 -7.13 20.28
C VAL B 81 23.35 -8.57 20.37
N ARG B 82 24.16 -8.87 21.37
CA ARG B 82 24.55 -10.25 21.60
C ARG B 82 23.34 -11.15 21.75
N LYS B 83 22.35 -10.72 22.53
CA LYS B 83 21.17 -11.53 22.75
C LYS B 83 20.35 -11.67 21.47
N GLU B 84 20.28 -10.61 20.65
CA GLU B 84 19.55 -10.73 19.39
C GLU B 84 20.20 -11.72 18.43
N VAL B 85 21.53 -11.82 18.42
CA VAL B 85 22.23 -12.75 17.53
C VAL B 85 21.98 -14.21 17.94
N LEU B 86 21.99 -14.50 19.24
CA LEU B 86 21.86 -15.85 19.74
C LEU B 86 20.40 -16.32 19.82
N GLN B 87 19.45 -15.47 19.45
CA GLN B 87 18.05 -15.73 19.77
C GLN B 87 17.51 -16.98 19.07
N ASN B 88 17.82 -17.15 17.79
CA ASN B 88 17.29 -18.27 17.00
C ASN B 88 18.38 -19.28 16.71
N HIS B 89 19.20 -19.58 17.72
CA HIS B 89 20.27 -20.56 17.60
C HIS B 89 19.67 -21.93 17.88
N HIS B 90 19.29 -22.62 16.80
CA HIS B 90 18.51 -23.85 16.91
C HIS B 90 19.33 -25.00 17.49
N SER B 91 20.57 -25.16 17.03
CA SER B 91 21.44 -26.21 17.56
C SER B 91 21.85 -25.99 19.02
N LYS B 92 21.63 -24.79 19.58
CA LYS B 92 22.09 -24.41 20.91
C LYS B 92 23.52 -24.84 21.19
N SER B 93 24.38 -24.83 20.15
CA SER B 93 25.79 -25.11 20.34
C SER B 93 26.50 -23.85 20.82
N PRO B 94 27.38 -23.97 21.81
CA PRO B 94 27.99 -22.76 22.39
C PRO B 94 28.72 -21.95 21.33
N VAL B 95 28.55 -20.64 21.43
CA VAL B 95 29.14 -19.66 20.52
C VAL B 95 29.75 -18.57 21.38
N ASP B 96 30.95 -18.16 21.06
CA ASP B 96 31.62 -17.10 21.80
C ASP B 96 31.51 -15.84 20.98
N VAL B 97 30.59 -14.95 21.35
CA VAL B 97 30.57 -13.63 20.75
C VAL B 97 31.79 -12.87 21.27
N LEU B 98 32.78 -12.68 20.41
CA LEU B 98 34.01 -12.05 20.87
C LEU B 98 33.88 -10.54 20.91
N GLN B 99 33.52 -9.92 19.78
CA GLN B 99 33.47 -8.47 19.70
C GLN B 99 32.31 -8.04 18.80
N ILE B 100 31.89 -6.80 18.99
CA ILE B 100 30.81 -6.19 18.23
C ILE B 100 31.27 -4.82 17.76
N PHE B 101 30.99 -4.49 16.50
CA PHE B 101 31.39 -3.22 15.93
C PHE B 101 30.16 -2.60 15.28
N ARG B 102 29.88 -1.36 15.66
CA ARG B 102 28.89 -0.59 14.94
C ARG B 102 29.50 -0.18 13.61
N VAL B 103 28.71 -0.29 12.54
CA VAL B 103 29.23 -0.06 11.21
C VAL B 103 28.23 0.79 10.43
N GLY B 104 28.72 1.80 9.74
CA GLY B 104 27.88 2.69 8.97
C GLY B 104 28.55 3.22 7.73
N ARG B 105 28.04 2.86 6.56
CA ARG B 105 28.58 3.40 5.33
C ARG B 105 27.98 4.78 5.07
N VAL B 106 28.81 5.71 4.65
CA VAL B 106 28.42 7.13 4.61
C VAL B 106 27.16 7.31 3.78
N ASN B 107 27.12 6.72 2.58
CA ASN B 107 26.02 6.91 1.64
C ASN B 107 24.92 5.88 1.78
N GLU B 108 25.14 4.81 2.54
CA GLU B 108 24.14 3.74 2.62
C GLU B 108 22.88 4.19 3.34
N THR B 109 23.03 5.02 4.37
CA THR B 109 21.94 5.31 5.30
C THR B 109 20.84 6.17 4.69
N THR B 110 21.16 6.97 3.66
CA THR B 110 20.19 7.91 3.11
C THR B 110 19.42 7.37 1.90
N GLU B 111 20.02 6.45 1.15
CA GLU B 111 19.31 5.79 0.06
C GLU B 111 18.51 4.59 0.55
N PHE B 112 18.64 4.24 1.81
CA PHE B 112 17.95 3.07 2.33
C PHE B 112 16.45 3.23 2.21
N LEU B 113 15.79 2.24 1.63
CA LEU B 113 14.35 2.30 1.40
C LEU B 113 13.56 1.85 2.62
N SER B 114 13.80 2.53 3.75
CA SER B 114 13.06 2.18 4.96
C SER B 114 11.56 2.39 4.82
N LYS B 115 11.12 3.27 3.92
CA LYS B 115 9.70 3.52 3.83
C LYS B 115 8.97 2.46 3.01
N LEU B 116 9.69 1.44 2.52
CA LEU B 116 9.02 0.24 2.03
C LEU B 116 8.28 -0.47 3.16
N GLY B 117 8.70 -0.23 4.40
CA GLY B 117 8.16 -0.92 5.55
C GLY B 117 8.71 -2.32 5.71
N ASN B 118 8.37 -2.92 6.84
CA ASN B 118 8.79 -4.27 7.17
C ASN B 118 10.32 -4.39 7.13
N VAL B 119 10.98 -3.37 7.67
CA VAL B 119 12.42 -3.40 7.90
C VAL B 119 12.72 -4.34 9.05
N ARG B 120 13.61 -5.31 8.81
CA ARG B 120 14.03 -6.26 9.84
C ARG B 120 15.54 -6.34 9.92
N PRO B 121 16.07 -6.57 11.11
CA PRO B 121 17.51 -6.85 11.24
C PRO B 121 17.75 -8.33 10.98
N LEU B 122 18.61 -8.62 9.99
CA LEU B 122 18.86 -10.00 9.62
C LEU B 122 20.36 -10.19 9.50
N LEU B 123 20.76 -11.47 9.48
CA LEU B 123 22.15 -11.88 9.45
C LEU B 123 22.60 -12.20 8.04
N HIS B 124 23.84 -11.86 7.74
CA HIS B 124 24.47 -12.23 6.48
C HIS B 124 25.82 -12.83 6.84
N GLY B 125 26.04 -14.08 6.47
CA GLY B 125 27.31 -14.74 6.69
C GLY B 125 28.18 -14.64 5.45
N SER B 126 29.48 -14.44 5.67
CA SER B 126 30.41 -14.35 4.56
C SER B 126 31.80 -14.74 5.05
N PRO B 127 32.61 -15.40 4.22
CA PRO B 127 34.02 -15.61 4.59
C PRO B 127 34.73 -14.28 4.85
N VAL B 128 35.74 -14.35 5.72
CA VAL B 128 36.38 -13.12 6.21
C VAL B 128 37.02 -12.29 5.09
N GLN B 129 37.45 -12.92 3.99
CA GLN B 129 38.14 -12.16 2.97
C GLN B 129 37.21 -11.29 2.13
N ASN B 130 35.91 -11.46 2.27
CA ASN B 130 34.94 -10.62 1.59
C ASN B 130 34.63 -9.35 2.35
N ILE B 131 35.04 -9.25 3.62
CA ILE B 131 34.58 -8.17 4.48
C ILE B 131 35.05 -6.81 3.96
N VAL B 132 36.33 -6.69 3.59
CA VAL B 132 36.82 -5.43 3.05
C VAL B 132 35.99 -5.00 1.84
N GLY B 133 35.64 -5.93 0.96
CA GLY B 133 34.88 -5.54 -0.22
C GLY B 133 33.48 -5.09 0.15
N ILE B 134 32.90 -5.73 1.16
CA ILE B 134 31.58 -5.38 1.63
C ILE B 134 31.57 -3.97 2.23
N LEU B 135 32.60 -3.62 3.02
CA LEU B 135 32.63 -2.29 3.62
C LEU B 135 32.91 -1.20 2.59
N CYS B 136 33.75 -1.49 1.58
CA CYS B 136 34.04 -0.51 0.54
C CYS B 136 32.87 -0.31 -0.40
N ARG B 137 32.10 -1.34 -0.66
CA ARG B 137 31.17 -1.26 -1.76
C ARG B 137 29.74 -1.52 -1.36
N GLY B 138 29.50 -2.00 -0.13
CA GLY B 138 28.22 -2.53 0.26
C GLY B 138 28.06 -3.94 -0.25
N LEU B 139 27.07 -4.65 0.29
CA LEU B 139 26.66 -5.87 -0.36
C LEU B 139 26.21 -5.54 -1.78
N LEU B 140 26.63 -6.36 -2.74
CA LEU B 140 26.31 -6.14 -4.14
C LEU B 140 25.43 -7.27 -4.65
N LEU B 141 24.68 -6.98 -5.71
CA LEU B 141 23.99 -8.04 -6.42
C LEU B 141 24.98 -8.86 -7.25
N PRO B 142 24.76 -10.16 -7.38
CA PRO B 142 25.64 -10.93 -8.25
C PRO B 142 25.40 -10.56 -9.70
N LYS B 143 26.44 -10.74 -10.51
CA LYS B 143 26.30 -10.55 -11.95
C LYS B 143 25.55 -11.75 -12.52
N VAL B 144 24.44 -11.48 -13.21
CA VAL B 144 23.47 -12.52 -13.56
C VAL B 144 23.99 -13.41 -14.69
N THR B 153 25.73 -22.26 -11.95
CA THR B 153 26.74 -21.17 -12.04
C THR B 153 26.67 -20.27 -10.82
N ASP B 154 26.92 -20.82 -9.62
CA ASP B 154 26.96 -19.98 -8.38
C ASP B 154 25.69 -19.13 -8.23
N VAL B 155 24.57 -19.55 -8.83
CA VAL B 155 23.29 -18.81 -8.65
C VAL B 155 22.60 -19.39 -7.42
N GLY B 156 22.29 -18.55 -6.44
CA GLY B 156 21.58 -19.02 -5.27
C GLY B 156 20.22 -19.59 -5.59
N ASN B 157 19.68 -20.34 -4.65
CA ASN B 157 18.41 -20.98 -4.99
C ASN B 157 17.24 -20.02 -5.06
N LEU B 158 17.44 -18.71 -4.91
CA LEU B 158 16.36 -17.77 -5.16
C LEU B 158 16.81 -16.68 -6.12
N GLY B 159 17.63 -17.03 -7.10
CA GLY B 159 18.00 -16.09 -8.13
C GLY B 159 19.12 -15.20 -7.67
N SER B 160 19.33 -14.13 -8.44
CA SER B 160 20.47 -13.22 -8.21
C SER B 160 20.07 -12.07 -7.31
N GLY B 161 19.99 -12.37 -6.01
CA GLY B 161 19.73 -11.36 -5.02
C GLY B 161 20.74 -11.41 -3.91
N ILE B 162 20.51 -10.64 -2.86
CA ILE B 162 21.33 -10.64 -1.66
C ILE B 162 20.59 -11.43 -0.58
N TYR B 163 21.27 -12.42 0.01
CA TYR B 163 20.62 -13.43 0.86
C TYR B 163 20.86 -13.15 2.33
N PHE B 164 19.80 -13.28 3.12
CA PHE B 164 19.91 -13.10 4.56
C PHE B 164 19.23 -14.26 5.23
N SER B 165 19.53 -14.41 6.51
CA SER B 165 18.82 -15.36 7.36
C SER B 165 18.44 -14.69 8.67
N ASP B 166 17.51 -15.33 9.39
CA ASP B 166 17.14 -14.89 10.73
C ASP B 166 17.76 -15.77 11.82
N SER B 167 18.64 -16.69 11.45
CA SER B 167 19.15 -17.72 12.33
C SER B 167 20.66 -17.70 12.34
N LEU B 168 21.26 -17.72 13.54
CA LEU B 168 22.71 -17.85 13.63
C LEU B 168 23.16 -19.23 13.14
N SER B 169 22.32 -20.25 13.32
CA SER B 169 22.62 -21.57 12.79
C SER B 169 22.82 -21.54 11.27
N THR B 170 22.05 -20.70 10.57
CA THR B 170 22.20 -20.59 9.12
C THR B 170 23.45 -19.80 8.73
N SER B 171 23.67 -18.64 9.35
CA SER B 171 24.80 -17.80 8.98
C SER B 171 26.14 -18.50 9.18
N ILE B 172 26.20 -19.41 10.16
CA ILE B 172 27.41 -20.15 10.50
C ILE B 172 27.87 -21.03 9.35
N LYS B 173 26.95 -21.45 8.48
CA LYS B 173 27.34 -22.22 7.29
C LYS B 173 28.10 -21.39 6.27
N TYR B 174 28.04 -20.05 6.36
CA TYR B 174 28.70 -19.19 5.39
C TYR B 174 29.76 -18.28 5.99
N SER B 175 29.79 -18.08 7.32
CA SER B 175 30.86 -17.34 7.98
C SER B 175 31.88 -18.33 8.52
N HIS B 176 32.78 -18.76 7.62
CA HIS B 176 33.85 -19.71 7.92
C HIS B 176 35.02 -18.98 8.59
N PRO B 177 35.75 -19.67 9.46
CA PRO B 177 36.87 -19.03 10.18
C PRO B 177 37.93 -18.47 9.25
N GLY B 178 38.47 -17.31 9.64
CA GLY B 178 39.50 -16.67 8.84
C GLY B 178 40.88 -17.29 9.05
N GLU B 179 41.68 -17.27 7.99
CA GLU B 179 43.00 -17.89 8.08
C GLU B 179 43.92 -17.11 9.01
N THR B 180 43.75 -15.80 9.09
CA THR B 180 44.63 -15.01 9.95
C THR B 180 44.52 -15.46 11.40
N ASP B 181 43.33 -15.33 12.00
CA ASP B 181 43.17 -15.62 13.42
C ASP B 181 42.08 -16.66 13.72
N GLY B 182 41.52 -17.31 12.71
CA GLY B 182 40.55 -18.37 12.97
C GLY B 182 39.18 -17.92 13.45
N THR B 183 38.94 -16.64 13.64
CA THR B 183 37.64 -16.19 14.11
C THR B 183 36.69 -15.94 12.95
N ARG B 184 35.41 -15.91 13.27
CA ARG B 184 34.35 -15.75 12.28
C ARG B 184 33.69 -14.38 12.40
N LEU B 185 33.22 -13.86 11.26
CA LEU B 185 32.54 -12.58 11.17
C LEU B 185 31.22 -12.72 10.44
N LEU B 186 30.16 -12.12 10.99
CA LEU B 186 28.91 -11.93 10.23
C LEU B 186 28.44 -10.48 10.33
N LEU B 187 27.52 -10.13 9.44
CA LEU B 187 26.93 -8.80 9.46
C LEU B 187 25.51 -8.88 10.00
N ILE B 188 25.13 -7.83 10.72
CA ILE B 188 23.74 -7.58 11.03
C ILE B 188 23.35 -6.40 10.16
N CYS B 189 22.28 -6.57 9.37
CA CYS B 189 21.78 -5.57 8.43
C CYS B 189 20.32 -5.33 8.69
N ASP B 190 19.91 -4.07 8.59
CA ASP B 190 18.50 -3.74 8.43
C ASP B 190 18.13 -4.02 6.98
N VAL B 191 17.15 -4.89 6.77
CA VAL B 191 16.77 -5.23 5.41
C VAL B 191 15.35 -4.79 5.25
N ALA B 192 15.09 -3.97 4.23
CA ALA B 192 13.74 -3.46 3.96
C ALA B 192 12.97 -4.50 3.14
N LEU B 193 12.26 -5.37 3.83
CA LEU B 193 11.62 -6.50 3.15
C LEU B 193 10.36 -6.10 2.42
N GLY B 194 9.63 -5.07 2.87
CA GLY B 194 8.37 -4.67 2.26
C GLY B 194 7.38 -5.81 2.25
N LYS B 195 6.57 -5.89 1.20
CA LYS B 195 5.72 -7.08 0.98
C LYS B 195 6.57 -8.26 0.50
N CYS B 196 6.69 -9.27 1.35
CA CYS B 196 7.61 -10.37 1.21
C CYS B 196 6.82 -11.64 0.93
N MET B 197 7.03 -12.22 -0.24
CA MET B 197 6.27 -13.38 -0.66
C MET B 197 6.90 -14.66 -0.12
N ASP B 198 6.09 -15.52 0.50
CA ASP B 198 6.57 -16.84 0.95
C ASP B 198 6.61 -17.80 -0.23
N LEU B 199 7.74 -18.50 -0.38
CA LEU B 199 7.98 -19.44 -1.47
C LEU B 199 8.43 -20.75 -0.86
N HIS B 200 7.93 -21.85 -1.44
CA HIS B 200 8.32 -23.17 -1.01
C HIS B 200 9.20 -23.92 -2.03
N GLU B 201 9.34 -23.41 -3.25
CA GLU B 201 10.15 -24.07 -4.26
C GLU B 201 11.33 -23.20 -4.67
N LYS B 202 12.39 -23.85 -5.14
CA LYS B 202 13.52 -23.15 -5.74
C LYS B 202 13.05 -22.27 -6.90
N ASP B 203 13.79 -21.21 -7.17
CA ASP B 203 13.57 -20.42 -8.37
C ASP B 203 14.89 -19.72 -8.71
N PHE B 204 15.75 -20.43 -9.46
CA PHE B 204 17.02 -19.86 -9.87
C PHE B 204 16.88 -18.70 -10.85
N SER B 205 15.71 -18.53 -11.45
CA SER B 205 15.53 -17.50 -12.47
C SER B 205 15.19 -16.12 -11.93
N LEU B 206 14.97 -15.96 -10.63
CA LEU B 206 14.54 -14.68 -10.10
C LEU B 206 15.66 -13.64 -10.22
N THR B 207 15.34 -12.48 -10.78
CA THR B 207 16.26 -11.35 -10.74
C THR B 207 15.65 -10.13 -10.06
N GLU B 208 14.38 -10.21 -9.68
CA GLU B 208 13.68 -9.18 -8.93
C GLU B 208 12.52 -9.85 -8.23
N ALA B 209 11.96 -9.17 -7.22
CA ALA B 209 10.86 -9.78 -6.48
C ALA B 209 9.64 -9.91 -7.38
N PRO B 210 8.81 -10.93 -7.17
CA PRO B 210 7.58 -11.09 -8.02
C PRO B 210 6.78 -9.81 -8.08
N PRO B 211 6.00 -9.60 -9.14
CA PRO B 211 5.22 -8.37 -9.26
C PRO B 211 4.38 -8.11 -8.01
N GLY B 212 4.37 -6.85 -7.56
CA GLY B 212 3.64 -6.51 -6.36
C GLY B 212 4.36 -6.82 -5.07
N TYR B 213 5.58 -7.36 -5.11
CA TYR B 213 6.33 -7.70 -3.92
C TYR B 213 7.69 -7.01 -3.98
N ASP B 214 8.32 -6.85 -2.83
CA ASP B 214 9.63 -6.20 -2.72
C ASP B 214 10.74 -7.13 -2.34
N SER B 215 10.42 -8.35 -1.93
CA SER B 215 11.39 -9.30 -1.41
C SER B 215 10.71 -10.66 -1.39
N VAL B 216 11.47 -11.67 -1.00
N VAL B 216 11.52 -11.67 -0.91
CA VAL B 216 11.03 -13.05 -1.09
CA VAL B 216 11.08 -13.05 -1.00
C VAL B 216 11.52 -13.77 0.15
C VAL B 216 11.57 -13.78 0.24
N HIS B 217 10.76 -14.77 0.57
CA HIS B 217 11.10 -15.53 1.76
C HIS B 217 11.02 -17.01 1.41
N GLY B 218 12.17 -17.70 1.46
CA GLY B 218 12.20 -19.14 1.34
C GLY B 218 11.91 -19.83 2.65
N VAL B 219 10.82 -20.59 2.72
CA VAL B 219 10.35 -21.15 3.99
C VAL B 219 11.12 -22.43 4.30
N SER B 220 11.65 -22.54 5.52
CA SER B 220 12.41 -23.73 5.90
C SER B 220 11.49 -24.93 6.07
N GLN B 221 11.95 -26.09 5.60
CA GLN B 221 11.16 -27.29 5.69
C GLN B 221 10.94 -27.70 7.15
N THR B 222 9.75 -28.24 7.42
CA THR B 222 9.38 -28.83 8.69
C THR B 222 8.68 -30.15 8.40
N ALA B 223 8.30 -30.87 9.47
CA ALA B 223 7.62 -32.14 9.26
C ALA B 223 6.26 -31.94 8.59
N SER B 224 5.57 -30.85 8.93
CA SER B 224 4.27 -30.55 8.36
C SER B 224 4.36 -29.89 7.00
N VAL B 225 5.42 -29.11 6.75
CA VAL B 225 5.54 -28.32 5.52
C VAL B 225 6.82 -28.73 4.82
N THR B 226 6.68 -29.47 3.73
CA THR B 226 7.84 -29.84 2.92
C THR B 226 8.18 -28.70 1.96
N THR B 227 9.48 -28.37 1.86
CA THR B 227 9.92 -27.29 0.99
C THR B 227 11.31 -27.63 0.46
N ASP B 228 11.78 -26.80 -0.47
CA ASP B 228 13.13 -26.88 -1.01
C ASP B 228 14.18 -26.18 -0.16
N PHE B 229 13.85 -25.67 1.03
CA PHE B 229 14.79 -24.83 1.76
C PHE B 229 15.14 -25.51 3.08
N GLU B 230 16.44 -25.79 3.27
CA GLU B 230 16.93 -26.28 4.56
C GLU B 230 16.71 -25.24 5.65
N ASP B 231 17.09 -23.99 5.35
CA ASP B 231 17.06 -22.83 6.24
C ASP B 231 16.07 -21.80 5.72
N ASP B 232 15.70 -20.87 6.61
CA ASP B 232 14.92 -19.72 6.19
C ASP B 232 15.81 -18.68 5.53
N GLU B 233 15.40 -18.25 4.35
CA GLU B 233 16.18 -17.32 3.54
C GLU B 233 15.33 -16.09 3.21
N PHE B 234 15.92 -14.93 3.36
CA PHE B 234 15.31 -13.67 2.99
C PHE B 234 16.17 -13.07 1.91
N VAL B 235 15.54 -12.76 0.78
CA VAL B 235 16.26 -12.31 -0.40
C VAL B 235 15.63 -11.03 -0.91
N VAL B 236 16.46 -10.02 -1.14
CA VAL B 236 16.08 -8.80 -1.80
C VAL B 236 16.99 -8.65 -3.01
N TYR B 237 16.54 -7.83 -3.96
CA TYR B 237 17.14 -7.75 -5.28
C TYR B 237 17.56 -6.32 -5.64
N LYS B 238 17.77 -5.48 -4.63
CA LYS B 238 18.20 -4.10 -4.86
C LYS B 238 19.10 -3.71 -3.71
N THR B 239 20.24 -3.10 -4.01
CA THR B 239 21.16 -2.74 -2.93
C THR B 239 20.58 -1.72 -1.97
N ASN B 240 19.68 -0.83 -2.40
CA ASN B 240 19.22 0.12 -1.40
C ASN B 240 18.12 -0.46 -0.51
N GLN B 241 17.83 -1.76 -0.56
CA GLN B 241 17.03 -2.40 0.47
C GLN B 241 17.86 -2.95 1.62
N VAL B 242 19.14 -2.60 1.71
CA VAL B 242 20.05 -3.19 2.68
C VAL B 242 20.85 -2.08 3.36
N LYS B 243 20.94 -2.13 4.68
CA LYS B 243 21.75 -1.17 5.44
C LYS B 243 22.51 -1.89 6.53
N MET B 244 23.83 -1.93 6.42
CA MET B 244 24.65 -2.60 7.41
C MET B 244 24.58 -1.89 8.75
N LYS B 245 24.60 -2.67 9.83
CA LYS B 245 24.47 -2.11 11.17
C LYS B 245 25.59 -2.55 12.10
N TYR B 246 25.86 -3.85 12.19
CA TYR B 246 26.88 -4.35 13.09
C TYR B 246 27.74 -5.40 12.40
N ILE B 247 29.01 -5.42 12.77
CA ILE B 247 29.91 -6.54 12.53
C ILE B 247 30.05 -7.31 13.83
N ILE B 248 29.89 -8.62 13.77
CA ILE B 248 29.98 -9.46 14.96
C ILE B 248 31.12 -10.44 14.77
N LYS B 249 32.14 -10.33 15.61
CA LYS B 249 33.27 -11.26 15.62
C LYS B 249 33.00 -12.35 16.64
N PHE B 250 33.08 -13.61 16.22
CA PHE B 250 32.70 -14.71 17.09
C PHE B 250 33.52 -15.97 16.77
N SER B 251 33.30 -17.03 17.56
CA SER B 251 33.97 -18.31 17.39
C SER B 251 33.08 -19.44 17.90
N MET B 252 33.38 -20.64 17.45
CA MET B 252 32.68 -21.88 17.81
C MET B 252 33.66 -22.92 18.30
N PRO B 253 33.22 -24.06 18.90
CA PRO B 253 34.18 -25.02 19.50
C PRO B 253 35.10 -25.71 18.49
N GLY B 254 34.54 -26.39 17.48
CA GLY B 254 35.35 -27.02 16.41
C GLY B 254 36.46 -26.11 15.95
N ASP B 255 36.21 -24.80 15.93
CA ASP B 255 37.28 -23.82 15.59
C ASP B 255 38.43 -24.36 16.44
N GLN B 256 39.55 -24.69 15.80
CA GLN B 256 40.81 -25.01 16.51
C GLN B 256 41.65 -23.74 16.65
N SER C 2 26.81 46.85 -19.43
CA SER C 2 26.14 46.59 -18.17
C SER C 2 24.74 46.14 -18.50
N GLU C 3 24.25 46.51 -19.68
CA GLU C 3 22.94 46.02 -20.12
C GLU C 3 22.99 44.54 -20.44
N GLN C 4 23.99 44.12 -21.22
CA GLN C 4 24.22 42.70 -21.42
C GLN C 4 24.44 41.99 -20.10
N LEU C 5 25.02 42.69 -19.11
CA LEU C 5 25.34 42.08 -17.83
C LEU C 5 24.11 41.95 -16.94
N GLN C 6 23.32 43.02 -16.80
CA GLN C 6 22.08 42.93 -16.04
C GLN C 6 21.14 41.86 -16.61
N ALA C 7 21.31 41.51 -17.89
CA ALA C 7 20.44 40.56 -18.58
C ALA C 7 20.96 39.12 -18.51
N LEU C 8 22.26 38.92 -18.80
CA LEU C 8 22.83 37.59 -18.66
C LEU C 8 22.68 37.05 -17.25
N LEU C 9 22.58 37.94 -16.26
CA LEU C 9 22.40 37.51 -14.88
C LEU C 9 21.01 36.90 -14.65
N LEU C 10 20.00 37.35 -15.42
CA LEU C 10 18.66 36.79 -15.29
C LEU C 10 18.46 35.53 -16.13
N GLU C 11 19.16 35.38 -17.25
CA GLU C 11 19.14 34.12 -17.98
C GLU C 11 19.77 32.99 -17.19
N GLU C 12 20.64 33.31 -16.23
CA GLU C 12 21.29 32.27 -15.43
C GLU C 12 20.30 31.62 -14.48
N VAL C 13 19.62 32.43 -13.66
CA VAL C 13 18.69 31.87 -12.68
C VAL C 13 17.55 31.13 -13.36
N MET C 14 17.21 31.53 -14.59
CA MET C 14 16.18 30.85 -15.36
C MET C 14 16.71 29.63 -16.12
N ASN C 15 18.05 29.52 -16.24
CA ASN C 15 18.65 28.36 -16.95
C ASN C 15 18.16 27.06 -16.32
N SER C 16 17.66 26.12 -17.14
CA SER C 16 17.07 24.89 -16.58
C SER C 16 17.79 23.63 -17.07
N SER C 17 17.64 22.53 -16.33
CA SER C 17 18.27 21.24 -16.73
C SER C 17 17.41 20.60 -17.81
N THR C 18 17.14 21.34 -18.89
CA THR C 18 16.30 20.82 -20.01
C THR C 18 14.89 20.50 -19.48
N LEU C 19 14.65 20.72 -18.17
CA LEU C 19 13.34 20.45 -17.51
C LEU C 19 13.36 18.93 -17.29
N SER C 20 12.21 18.28 -17.13
CA SER C 20 12.26 16.87 -16.71
C SER C 20 11.05 16.58 -17.58
N GLN C 21 11.16 15.72 -18.60
CA GLN C 21 9.98 15.53 -19.48
C GLN C 21 8.73 15.59 -18.61
N GLU C 22 8.79 14.95 -17.44
CA GLU C 22 7.69 15.02 -16.45
C GLU C 22 7.41 16.45 -16.01
N VAL C 23 8.44 17.21 -15.64
CA VAL C 23 8.25 18.60 -15.25
C VAL C 23 7.67 19.38 -16.42
N SER C 24 8.05 19.04 -17.64
CA SER C 24 7.47 19.73 -18.79
C SER C 24 6.03 19.32 -19.02
N ASP C 25 5.72 18.02 -18.93
CA ASP C 25 4.33 17.60 -19.07
C ASP C 25 3.45 18.28 -18.02
N LEU C 26 3.99 18.51 -16.83
CA LEU C 26 3.20 19.10 -15.75
C LEU C 26 2.91 20.57 -16.04
N VAL C 27 3.94 21.31 -16.45
CA VAL C 27 3.79 22.71 -16.83
C VAL C 27 2.83 22.85 -17.99
N GLU C 28 2.94 21.97 -18.97
CA GLU C 28 2.01 22.00 -20.09
C GLU C 28 0.58 21.84 -19.59
N MET C 29 0.37 20.95 -18.63
CA MET C 29 -0.96 20.57 -18.21
C MET C 29 -1.60 21.66 -17.38
N ILE C 30 -0.87 22.20 -16.41
CA ILE C 30 -1.46 23.16 -15.48
C ILE C 30 -1.77 24.48 -16.18
N TRP C 31 -1.00 24.87 -17.20
CA TRP C 31 -1.37 26.07 -17.94
C TRP C 31 -2.62 25.84 -18.76
N ALA C 32 -2.72 24.70 -19.44
CA ALA C 32 -3.92 24.41 -20.23
C ALA C 32 -5.17 24.42 -19.36
N GLU C 33 -5.07 23.89 -18.16
CA GLU C 33 -6.21 23.97 -17.25
C GLU C 33 -6.55 25.42 -16.92
N ALA C 34 -5.53 26.20 -16.54
CA ALA C 34 -5.74 27.60 -16.20
C ALA C 34 -6.36 28.36 -17.38
N LEU C 35 -5.70 28.29 -18.53
CA LEU C 35 -6.20 29.00 -19.71
C LEU C 35 -7.56 28.49 -20.15
N GLY C 36 -7.82 27.20 -19.97
CA GLY C 36 -9.10 26.67 -20.37
C GLY C 36 -10.23 27.11 -19.47
N HIS C 37 -9.96 27.28 -18.18
CA HIS C 37 -11.03 27.78 -17.35
C HIS C 37 -11.27 29.26 -17.61
N LEU C 38 -10.22 30.01 -17.90
CA LEU C 38 -10.39 31.40 -18.27
C LEU C 38 -11.30 31.55 -19.48
N GLU C 39 -11.06 30.72 -20.51
CA GLU C 39 -11.92 30.76 -21.68
C GLU C 39 -13.36 30.40 -21.34
N HIS C 40 -13.57 29.50 -20.39
CA HIS C 40 -14.93 29.08 -20.06
C HIS C 40 -15.68 30.16 -19.31
N MET C 41 -14.96 30.94 -18.49
CA MET C 41 -15.63 32.05 -17.76
C MET C 41 -15.77 33.26 -18.71
N LEU C 42 -15.12 33.20 -19.87
CA LEU C 42 -15.24 34.29 -20.88
C LEU C 42 -16.15 33.81 -22.02
N GLY C 43 -17.24 33.12 -21.70
CA GLY C 43 -18.19 32.63 -22.71
C GLY C 43 -17.50 31.89 -23.84
N SER C 44 -16.78 30.80 -23.52
CA SER C 44 -16.03 30.04 -24.54
C SER C 44 -15.27 31.00 -25.47
N PRO C 56 11.34 23.77 -24.90
CA PRO C 56 10.02 23.86 -25.54
C PRO C 56 9.06 24.69 -24.69
N SER C 57 8.56 24.11 -23.59
CA SER C 57 7.67 24.86 -22.66
C SER C 57 8.52 25.60 -21.63
N LEU C 58 9.70 26.07 -22.04
CA LEU C 58 10.62 26.78 -21.11
C LEU C 58 9.95 28.07 -20.67
N ALA C 59 9.39 28.83 -21.62
CA ALA C 59 8.66 30.08 -21.28
C ALA C 59 7.63 29.77 -20.19
N LYS C 60 6.74 28.81 -20.44
CA LYS C 60 5.66 28.47 -19.48
C LYS C 60 6.26 28.14 -18.10
N TYR C 61 7.39 27.44 -18.05
CA TYR C 61 8.02 27.09 -16.78
C TYR C 61 8.68 28.29 -16.13
N ARG C 62 9.31 29.15 -16.94
CA ARG C 62 9.92 30.35 -16.40
C ARG C 62 8.86 31.33 -15.94
N ALA C 63 7.72 31.37 -16.64
CA ALA C 63 6.59 32.18 -16.21
C ALA C 63 6.16 31.83 -14.79
N LEU C 64 6.33 30.57 -14.38
CA LEU C 64 5.90 30.15 -13.05
C LEU C 64 6.75 30.73 -11.94
N ARG C 65 7.95 31.22 -12.25
CA ARG C 65 8.86 31.76 -11.24
C ARG C 65 9.07 30.75 -10.11
N CYS C 66 9.21 29.48 -10.46
CA CYS C 66 9.17 28.43 -9.45
C CYS C 66 10.11 27.30 -9.87
N LYS C 67 10.76 26.69 -8.88
CA LYS C 67 11.65 25.55 -9.12
C LYS C 67 10.91 24.26 -8.84
N ILE C 68 10.88 23.36 -9.83
CA ILE C 68 10.08 22.13 -9.76
C ILE C 68 10.86 20.98 -10.39
N GLU C 69 11.15 19.94 -9.59
CA GLU C 69 11.92 18.78 -10.01
C GLU C 69 11.15 17.49 -9.76
N HIS C 70 11.12 16.61 -10.76
CA HIS C 70 10.49 15.31 -10.54
C HIS C 70 11.27 14.52 -9.49
N VAL C 71 10.55 13.76 -8.66
CA VAL C 71 11.13 12.86 -7.68
C VAL C 71 10.95 11.45 -8.19
N GLU C 72 12.04 10.70 -8.23
CA GLU C 72 12.04 9.36 -8.79
C GLU C 72 11.20 8.39 -7.99
N GLN C 73 10.55 7.48 -8.68
CA GLN C 73 9.52 6.67 -8.05
C GLN C 73 10.04 5.48 -7.23
N ASN C 74 11.31 5.12 -7.34
CA ASN C 74 11.79 4.06 -6.46
C ASN C 74 12.78 4.57 -5.42
N THR C 75 12.84 5.87 -5.20
CA THR C 75 13.70 6.43 -4.18
C THR C 75 12.98 6.51 -2.84
N GLU C 76 13.77 6.65 -1.78
CA GLU C 76 13.19 6.78 -0.45
C GLU C 76 12.36 8.05 -0.32
N GLU C 77 12.68 9.09 -1.08
CA GLU C 77 11.92 10.34 -0.98
C GLU C 77 10.49 10.16 -1.50
N PHE C 78 10.34 9.53 -2.66
CA PHE C 78 9.02 9.21 -3.20
C PHE C 78 8.22 8.35 -2.21
N LEU C 79 8.82 7.26 -1.73
CA LEU C 79 8.08 6.35 -0.87
C LEU C 79 7.67 7.03 0.43
N ARG C 80 8.48 7.96 0.93
CA ARG C 80 8.18 8.60 2.21
C ARG C 80 7.11 9.67 2.09
N VAL C 81 7.22 10.48 1.04
CA VAL C 81 6.20 11.50 0.80
C VAL C 81 4.86 10.83 0.51
N ARG C 82 4.87 9.75 -0.28
CA ARG C 82 3.65 9.00 -0.54
C ARG C 82 3.05 8.46 0.75
N LYS C 83 3.88 7.92 1.65
CA LYS C 83 3.34 7.49 2.94
C LYS C 83 2.78 8.67 3.72
N GLU C 84 3.36 9.87 3.50
CA GLU C 84 2.88 11.06 4.21
C GLU C 84 1.52 11.50 3.67
N VAL C 85 1.35 11.53 2.35
CA VAL C 85 0.04 11.80 1.75
C VAL C 85 -1.02 10.80 2.25
N LEU C 86 -0.68 9.51 2.29
CA LEU C 86 -1.65 8.44 2.56
C LEU C 86 -1.79 8.11 4.04
N GLN C 87 -1.30 8.97 4.91
CA GLN C 87 -1.24 8.63 6.33
C GLN C 87 -2.62 8.39 6.91
N ASN C 88 -3.50 9.39 6.88
CA ASN C 88 -4.85 9.17 7.36
C ASN C 88 -5.83 9.03 6.21
N HIS C 89 -5.64 8.00 5.41
CA HIS C 89 -6.58 7.59 4.39
C HIS C 89 -6.78 6.11 4.58
N HIS C 90 -7.54 5.74 5.59
CA HIS C 90 -7.69 4.32 5.91
C HIS C 90 -8.65 3.61 4.97
N SER C 91 -9.10 4.28 3.90
CA SER C 91 -9.88 3.64 2.84
C SER C 91 -9.06 2.53 2.18
N LYS C 92 -9.51 1.27 2.32
CA LYS C 92 -8.80 0.14 1.72
C LYS C 92 -8.78 0.23 0.20
N SER C 93 -9.62 1.09 -0.38
CA SER C 93 -9.53 1.45 -1.78
C SER C 93 -8.20 2.16 -2.01
N PRO C 94 -7.27 1.52 -2.72
CA PRO C 94 -5.94 2.12 -2.91
C PRO C 94 -6.01 3.40 -3.71
N VAL C 95 -5.17 4.33 -3.34
CA VAL C 95 -4.97 5.56 -4.09
C VAL C 95 -3.78 5.36 -5.00
N ASP C 96 -3.85 5.88 -6.20
CA ASP C 96 -2.73 5.83 -7.11
C ASP C 96 -2.02 7.18 -7.16
N VAL C 97 -0.92 7.31 -6.42
CA VAL C 97 -0.03 8.48 -6.50
C VAL C 97 0.84 8.33 -7.74
N LEU C 98 0.59 9.15 -8.75
CA LEU C 98 1.31 9.00 -10.01
C LEU C 98 2.67 9.70 -9.99
N GLN C 99 2.74 10.91 -9.49
CA GLN C 99 3.97 11.69 -9.60
C GLN C 99 4.06 12.63 -8.41
N ILE C 100 5.28 12.78 -7.91
CA ILE C 100 5.63 13.71 -6.85
C ILE C 100 6.68 14.68 -7.38
N PHE C 101 6.55 15.96 -7.03
CA PHE C 101 7.44 17.01 -7.51
C PHE C 101 7.91 17.85 -6.35
N ARG C 102 9.22 17.99 -6.22
CA ARG C 102 9.80 18.95 -5.28
C ARG C 102 9.52 20.34 -5.81
N VAL C 103 8.96 21.20 -4.97
CA VAL C 103 8.62 22.57 -5.36
C VAL C 103 9.34 23.54 -4.45
N GLY C 104 10.14 24.42 -5.06
CA GLY C 104 10.81 25.45 -4.29
C GLY C 104 10.56 26.87 -4.77
N ARG C 105 10.22 27.75 -3.85
CA ARG C 105 10.12 29.17 -4.13
C ARG C 105 11.12 29.90 -3.23
N VAL C 106 12.09 30.57 -3.84
CA VAL C 106 13.15 31.25 -3.09
C VAL C 106 12.55 32.29 -2.16
N ASN C 107 11.40 32.85 -2.51
CA ASN C 107 10.76 33.85 -1.65
C ASN C 107 10.20 33.21 -0.39
N GLU C 108 9.37 32.18 -0.54
CA GLU C 108 8.77 31.53 0.62
C GLU C 108 9.82 31.02 1.61
N THR C 109 11.01 30.67 1.12
CA THR C 109 12.03 30.09 1.98
C THR C 109 12.55 31.10 3.00
N THR C 110 12.98 32.28 2.53
CA THR C 110 13.61 33.26 3.40
C THR C 110 12.63 33.86 4.41
N GLU C 111 11.33 33.77 4.11
CA GLU C 111 10.31 34.43 4.98
C GLU C 111 9.63 33.43 5.92
N PHE C 112 9.82 32.13 5.72
CA PHE C 112 9.07 31.15 6.55
C PHE C 112 9.30 31.43 8.03
N LEU C 113 8.20 31.67 8.76
CA LEU C 113 8.30 31.98 10.20
C LEU C 113 8.46 30.68 11.00
N SER C 114 9.65 30.07 10.95
CA SER C 114 9.91 28.86 11.76
C SER C 114 9.80 29.20 13.25
N LYS C 115 10.09 30.44 13.62
CA LYS C 115 10.09 30.85 15.05
C LYS C 115 8.80 30.44 15.75
N LEU C 116 7.66 30.69 15.13
CA LEU C 116 6.36 30.44 15.81
C LEU C 116 6.35 29.07 16.48
N GLY C 117 6.75 28.03 15.75
CA GLY C 117 6.77 26.68 16.30
C GLY C 117 5.60 25.84 15.86
N ASN C 118 5.31 24.74 16.58
CA ASN C 118 4.24 23.79 16.18
C ASN C 118 4.25 23.65 14.65
N VAL C 119 5.43 23.61 14.03
CA VAL C 119 5.40 23.44 12.56
C VAL C 119 4.94 22.02 12.24
N ARG C 120 4.00 21.91 11.29
CA ARG C 120 3.45 20.65 10.83
C ARG C 120 3.38 20.65 9.31
N PRO C 121 3.72 19.51 8.67
CA PRO C 121 3.50 19.37 7.23
C PRO C 121 2.08 18.91 6.97
N LEU C 122 1.38 19.65 6.12
CA LEU C 122 -0.04 19.41 5.93
C LEU C 122 -0.35 19.42 4.44
N LEU C 123 -1.54 18.94 4.11
CA LEU C 123 -2.02 18.87 2.74
C LEU C 123 -2.86 20.10 2.39
N HIS C 124 -2.69 20.57 1.15
CA HIS C 124 -3.53 21.65 0.64
C HIS C 124 -4.15 21.19 -0.68
N GLY C 125 -5.43 20.89 -0.64
CA GLY C 125 -6.13 20.57 -1.86
C GLY C 125 -6.49 21.81 -2.65
N SER C 126 -6.71 21.63 -3.93
CA SER C 126 -6.83 22.76 -4.82
C SER C 126 -7.35 22.30 -6.17
N PRO C 127 -8.28 23.03 -6.78
CA PRO C 127 -8.65 22.73 -8.16
C PRO C 127 -7.48 22.96 -9.10
N VAL C 128 -7.32 22.07 -10.07
CA VAL C 128 -6.13 22.05 -10.93
C VAL C 128 -5.91 23.38 -11.65
N GLN C 129 -6.97 24.12 -11.98
CA GLN C 129 -6.76 25.38 -12.69
C GLN C 129 -6.17 26.49 -11.81
N ASN C 130 -5.99 26.24 -10.49
CA ASN C 130 -5.44 27.18 -9.53
C ASN C 130 -3.96 27.01 -9.28
N ILE C 131 -3.36 25.95 -9.80
CA ILE C 131 -1.99 25.60 -9.43
C ILE C 131 -1.01 26.62 -10.01
N VAL C 132 -1.16 26.93 -11.29
CA VAL C 132 -0.33 27.96 -11.92
C VAL C 132 -0.38 29.24 -11.11
N GLY C 133 -1.58 29.67 -10.72
CA GLY C 133 -1.70 30.86 -9.90
C GLY C 133 -1.01 30.73 -8.56
N ILE C 134 -1.20 29.59 -7.89
CA ILE C 134 -0.56 29.40 -6.58
C ILE C 134 0.96 29.38 -6.68
N LEU C 135 1.50 28.93 -7.82
CA LEU C 135 2.95 28.87 -7.94
C LEU C 135 3.56 30.24 -8.20
N CYS C 136 2.81 31.14 -8.82
CA CYS C 136 3.32 32.50 -9.14
C CYS C 136 2.92 33.48 -8.04
N ARG C 137 1.64 33.80 -7.91
CA ARG C 137 1.20 34.88 -6.97
C ARG C 137 1.04 34.36 -5.53
N GLY C 138 1.01 33.05 -5.31
CA GLY C 138 0.95 32.59 -3.91
C GLY C 138 -0.30 31.78 -3.57
N LEU C 139 -0.53 31.53 -2.28
CA LEU C 139 -1.65 30.64 -1.88
C LEU C 139 -2.91 31.42 -1.48
N LEU C 140 -2.79 32.51 -0.73
CA LEU C 140 -3.98 33.22 -0.23
C LEU C 140 -4.80 33.84 -1.37
N LEU C 141 -6.14 33.71 -1.28
CA LEU C 141 -7.04 34.01 -2.41
C LEU C 141 -7.16 35.51 -2.65
N PRO C 142 -7.23 35.96 -3.91
CA PRO C 142 -7.28 37.40 -4.20
C PRO C 142 -8.58 38.04 -3.72
N LYS C 143 -8.44 39.27 -3.22
CA LYS C 143 -9.59 40.09 -2.85
C LYS C 143 -9.91 40.99 -4.05
N VAL C 144 -10.55 40.38 -5.06
CA VAL C 144 -10.93 41.12 -6.26
C VAL C 144 -12.25 41.85 -6.10
N VAL C 145 -13.04 41.47 -5.08
CA VAL C 145 -14.40 42.07 -4.89
C VAL C 145 -14.34 43.21 -3.88
N GLU C 146 -13.48 43.18 -2.86
CA GLU C 146 -13.21 44.33 -1.96
C GLU C 146 -14.13 45.27 -1.15
N ASP C 147 -15.21 44.79 -0.50
CA ASP C 147 -15.91 45.55 0.56
C ASP C 147 -17.08 45.83 -0.38
N ARG C 152 -17.56 37.88 4.65
CA ARG C 152 -17.59 37.63 3.19
C ARG C 152 -18.05 36.19 2.95
N THR C 153 -18.33 35.83 1.69
CA THR C 153 -18.86 34.47 1.39
C THR C 153 -17.81 33.69 0.60
N ASP C 154 -17.03 34.39 -0.22
CA ASP C 154 -15.93 33.72 -0.97
C ASP C 154 -15.06 32.96 0.03
N VAL C 155 -14.92 33.50 1.24
CA VAL C 155 -14.04 32.89 2.27
C VAL C 155 -14.59 31.52 2.66
N GLY C 156 -13.82 30.77 3.45
CA GLY C 156 -14.28 29.46 3.93
C GLY C 156 -14.95 29.55 5.29
N ASN C 157 -15.09 28.42 5.97
CA ASN C 157 -15.82 28.42 7.23
C ASN C 157 -15.06 29.11 8.37
N LEU C 158 -13.85 29.62 8.13
CA LEU C 158 -13.08 30.28 9.18
C LEU C 158 -12.40 31.51 8.62
N GLY C 159 -13.08 32.21 7.74
CA GLY C 159 -12.59 33.49 7.26
C GLY C 159 -11.64 33.37 6.09
N SER C 160 -11.03 34.51 5.75
CA SER C 160 -10.08 34.60 4.65
C SER C 160 -8.72 34.14 5.15
N GLY C 161 -8.55 32.83 5.17
CA GLY C 161 -7.28 32.24 5.53
C GLY C 161 -6.84 31.22 4.51
N ILE C 162 -5.78 30.49 4.84
CA ILE C 162 -5.24 29.41 4.01
C ILE C 162 -5.52 28.10 4.73
N TYR C 163 -6.08 27.13 4.00
CA TYR C 163 -6.71 25.97 4.59
C TYR C 163 -5.91 24.71 4.33
N PHE C 164 -5.71 23.92 5.38
CA PHE C 164 -4.90 22.71 5.35
C PHE C 164 -5.59 21.59 6.12
N SER C 165 -5.16 20.36 5.83
CA SER C 165 -5.72 19.18 6.47
C SER C 165 -4.59 18.20 6.74
N ASP C 166 -4.94 17.09 7.39
CA ASP C 166 -4.06 15.94 7.52
C ASP C 166 -4.74 14.68 7.03
N SER C 167 -5.73 14.85 6.15
CA SER C 167 -6.52 13.77 5.61
C SER C 167 -6.56 13.91 4.09
N LEU C 168 -6.19 12.86 3.39
CA LEU C 168 -6.43 12.81 1.97
C LEU C 168 -7.91 13.00 1.68
N SER C 169 -8.76 12.30 2.43
CA SER C 169 -10.21 12.42 2.26
C SER C 169 -10.66 13.88 2.35
N THR C 170 -10.05 14.67 3.24
CA THR C 170 -10.47 16.07 3.34
C THR C 170 -9.98 16.88 2.15
N SER C 171 -8.72 16.68 1.74
CA SER C 171 -8.17 17.46 0.64
C SER C 171 -8.92 17.22 -0.66
N ILE C 172 -9.44 16.00 -0.85
CA ILE C 172 -10.17 15.64 -2.05
C ILE C 172 -11.49 16.41 -2.19
N LYS C 173 -12.02 16.98 -1.10
CA LYS C 173 -13.10 17.94 -1.24
C LYS C 173 -12.73 19.04 -2.22
N TYR C 174 -11.47 19.43 -2.27
CA TYR C 174 -11.08 20.57 -3.06
C TYR C 174 -10.25 20.22 -4.30
N SER C 175 -9.49 19.11 -4.29
CA SER C 175 -8.69 18.66 -5.44
C SER C 175 -9.53 17.74 -6.34
N HIS C 176 -10.37 18.35 -7.17
CA HIS C 176 -11.14 17.58 -8.10
C HIS C 176 -10.29 17.22 -9.31
N PRO C 177 -10.63 16.14 -10.03
CA PRO C 177 -9.88 15.79 -11.23
C PRO C 177 -9.84 16.94 -12.21
N GLY C 178 -8.70 17.15 -12.82
CA GLY C 178 -8.58 18.19 -13.81
C GLY C 178 -9.34 17.81 -15.05
N GLU C 179 -9.50 18.80 -15.93
CA GLU C 179 -10.19 18.60 -17.20
C GLU C 179 -9.26 18.24 -18.33
N THR C 180 -7.98 18.56 -18.21
CA THR C 180 -7.04 18.29 -19.30
C THR C 180 -6.71 16.80 -19.37
N ASP C 181 -6.19 16.24 -18.28
CA ASP C 181 -5.87 14.82 -18.24
C ASP C 181 -6.62 14.04 -17.16
N GLY C 182 -7.58 14.65 -16.47
CA GLY C 182 -8.43 13.91 -15.55
C GLY C 182 -7.81 13.56 -14.21
N THR C 183 -6.60 14.01 -13.91
CA THR C 183 -5.96 13.68 -12.66
C THR C 183 -6.12 14.81 -11.67
N ARG C 184 -5.74 14.53 -10.43
CA ARG C 184 -5.88 15.45 -9.33
C ARG C 184 -4.51 15.91 -8.87
N LEU C 185 -4.45 17.12 -8.31
CA LEU C 185 -3.21 17.65 -7.77
C LEU C 185 -3.46 18.14 -6.36
N LEU C 186 -2.49 17.94 -5.49
CA LEU C 186 -2.47 18.66 -4.23
C LEU C 186 -1.04 19.06 -3.92
N LEU C 187 -0.89 19.88 -2.91
CA LEU C 187 0.41 20.30 -2.41
C LEU C 187 0.59 19.79 -0.99
N ILE C 188 1.83 19.49 -0.64
CA ILE C 188 2.22 19.30 0.75
C ILE C 188 3.01 20.53 1.16
N CYS C 189 2.56 21.18 2.23
CA CYS C 189 3.21 22.39 2.72
C CYS C 189 3.59 22.18 4.17
N ASP C 190 4.72 22.78 4.55
CA ASP C 190 5.03 22.97 5.96
C ASP C 190 4.32 24.22 6.42
N VAL C 191 3.65 24.14 7.57
CA VAL C 191 2.86 25.26 8.06
C VAL C 191 3.24 25.58 9.50
N ALA C 192 3.44 26.87 9.79
CA ALA C 192 3.80 27.32 11.13
C ALA C 192 2.53 27.60 11.94
N LEU C 193 1.92 26.52 12.46
CA LEU C 193 0.75 26.67 13.31
C LEU C 193 1.04 27.56 14.50
N GLY C 194 2.13 27.30 15.21
CA GLY C 194 2.44 28.07 16.41
C GLY C 194 1.40 27.81 17.48
N LYS C 195 0.96 28.89 18.13
CA LYS C 195 -0.13 28.79 19.10
C LYS C 195 -1.46 28.61 18.36
N CYS C 196 -2.17 27.53 18.67
CA CYS C 196 -3.28 27.04 17.86
C CYS C 196 -4.56 26.94 18.68
N MET C 197 -5.62 27.58 18.21
CA MET C 197 -6.90 27.65 18.92
C MET C 197 -7.88 26.64 18.35
N ASP C 198 -8.16 25.59 19.12
CA ASP C 198 -9.21 24.64 18.74
C ASP C 198 -10.55 25.35 18.79
N LEU C 199 -11.15 25.60 17.63
CA LEU C 199 -12.47 26.20 17.49
C LEU C 199 -13.53 25.16 17.14
N HIS C 200 -14.74 25.40 17.64
CA HIS C 200 -15.87 24.50 17.42
C HIS C 200 -16.99 25.12 16.61
N GLU C 201 -17.05 26.44 16.49
CA GLU C 201 -18.07 27.13 15.71
C GLU C 201 -17.39 27.95 14.63
N LYS C 202 -18.03 28.02 13.47
CA LYS C 202 -17.42 28.62 12.29
C LYS C 202 -17.62 30.13 12.30
N ASP C 203 -16.52 30.87 12.17
CA ASP C 203 -16.52 32.34 12.14
C ASP C 203 -16.07 32.79 10.75
N PHE C 204 -17.04 33.16 9.90
CA PHE C 204 -16.72 33.63 8.56
C PHE C 204 -15.92 34.94 8.57
N SER C 205 -15.78 35.62 9.71
CA SER C 205 -15.17 36.94 9.76
C SER C 205 -13.71 36.94 10.22
N LEU C 206 -13.06 35.78 10.33
CA LEU C 206 -11.67 35.82 10.74
C LEU C 206 -10.80 36.33 9.59
N THR C 207 -9.93 37.27 9.93
CA THR C 207 -8.88 37.74 9.05
C THR C 207 -7.50 37.47 9.63
N GLU C 208 -7.44 37.10 10.90
CA GLU C 208 -6.23 36.73 11.59
C GLU C 208 -6.63 35.79 12.71
N ALA C 209 -5.64 35.15 13.34
CA ALA C 209 -5.90 34.27 14.46
C ALA C 209 -6.25 35.07 15.70
N PRO C 210 -6.94 34.46 16.67
CA PRO C 210 -7.24 35.15 17.92
C PRO C 210 -5.98 35.70 18.57
N PRO C 211 -6.12 36.69 19.46
CA PRO C 211 -4.94 37.34 20.06
C PRO C 211 -4.08 36.39 20.86
N GLY C 212 -2.77 36.54 20.73
CA GLY C 212 -1.83 35.62 21.32
C GLY C 212 -1.73 34.30 20.60
N TYR C 213 -2.49 34.13 19.52
CA TYR C 213 -2.50 32.90 18.74
C TYR C 213 -1.96 33.18 17.34
N ASP C 214 -1.62 32.10 16.66
CA ASP C 214 -1.15 32.17 15.29
C ASP C 214 -2.02 31.40 14.33
N SER C 215 -2.88 30.52 14.82
CA SER C 215 -3.64 29.65 13.94
C SER C 215 -4.86 29.13 14.67
N VAL C 216 -5.78 28.56 13.90
CA VAL C 216 -7.02 27.98 14.48
C VAL C 216 -7.19 26.56 13.93
N HIS C 217 -7.72 25.64 14.74
CA HIS C 217 -7.97 24.26 14.27
C HIS C 217 -9.47 23.99 14.25
N GLY C 218 -10.03 23.78 13.04
CA GLY C 218 -11.46 23.43 12.94
C GLY C 218 -11.34 22.18 13.79
N VAL C 219 -12.04 22.13 14.92
CA VAL C 219 -12.26 20.88 15.69
C VAL C 219 -13.13 19.97 14.81
N SER C 220 -12.64 18.76 14.49
CA SER C 220 -13.47 17.80 13.74
C SER C 220 -14.61 17.41 14.68
N GLN C 221 -15.80 17.16 14.14
CA GLN C 221 -16.96 16.89 15.03
C GLN C 221 -16.99 15.42 15.43
N THR C 222 -17.56 15.11 16.60
CA THR C 222 -17.68 13.75 17.10
C THR C 222 -19.01 13.61 17.83
N ALA C 223 -19.34 12.36 18.19
CA ALA C 223 -20.60 12.11 18.86
C ALA C 223 -20.69 12.84 20.20
N SER C 224 -19.55 13.00 20.88
CA SER C 224 -19.50 13.73 22.14
C SER C 224 -19.33 15.23 21.91
N VAL C 225 -18.33 15.63 21.12
CA VAL C 225 -18.05 17.03 20.85
C VAL C 225 -18.73 17.39 19.53
N THR C 226 -19.92 17.97 19.62
CA THR C 226 -20.71 18.32 18.43
C THR C 226 -20.34 19.73 17.98
N THR C 227 -19.62 19.82 16.87
CA THR C 227 -19.07 21.08 16.37
C THR C 227 -19.67 21.43 15.01
N ASP C 228 -19.10 22.44 14.37
CA ASP C 228 -19.54 22.91 13.06
C ASP C 228 -18.77 22.31 11.90
N PHE C 229 -17.69 21.57 12.16
CA PHE C 229 -16.77 21.13 11.13
C PHE C 229 -16.82 19.62 10.95
N GLU C 230 -16.91 19.18 9.70
CA GLU C 230 -16.87 17.75 9.38
C GLU C 230 -15.52 17.14 9.74
N ASP C 231 -14.45 17.70 9.20
CA ASP C 231 -13.11 17.14 9.35
C ASP C 231 -12.22 18.17 9.99
N ASP C 232 -11.04 17.72 10.40
CA ASP C 232 -10.08 18.61 11.04
C ASP C 232 -9.43 19.48 9.98
N GLU C 233 -9.57 20.80 10.14
CA GLU C 233 -8.90 21.74 9.26
C GLU C 233 -8.15 22.78 10.08
N PHE C 234 -6.96 23.13 9.60
CA PHE C 234 -6.07 24.08 10.23
C PHE C 234 -5.94 25.30 9.32
N VAL C 235 -5.90 26.49 9.91
CA VAL C 235 -5.98 27.73 9.15
C VAL C 235 -4.95 28.72 9.67
N VAL C 236 -4.07 29.19 8.79
CA VAL C 236 -3.24 30.36 9.06
C VAL C 236 -3.72 31.50 8.19
N TYR C 237 -3.34 32.72 8.55
CA TYR C 237 -3.87 33.89 7.87
C TYR C 237 -2.80 34.73 7.20
N LYS C 238 -1.53 34.35 7.32
CA LYS C 238 -0.42 35.05 6.70
C LYS C 238 0.25 34.15 5.66
N THR C 239 0.70 34.78 4.58
CA THR C 239 1.33 34.02 3.51
C THR C 239 2.66 33.39 3.95
N ASN C 240 3.30 33.92 4.99
CA ASN C 240 4.62 33.45 5.41
C ASN C 240 4.57 32.43 6.55
N GLN C 241 3.38 32.01 6.99
CA GLN C 241 3.30 30.83 7.83
C GLN C 241 3.20 29.54 7.00
N VAL C 242 3.46 29.62 5.70
CA VAL C 242 3.33 28.49 4.81
C VAL C 242 4.54 28.47 3.87
N LYS C 243 5.06 27.27 3.63
CA LYS C 243 6.11 27.09 2.63
C LYS C 243 5.83 25.79 1.89
N MET C 244 5.69 25.88 0.57
CA MET C 244 5.32 24.68 -0.15
C MET C 244 6.53 23.79 -0.41
N LYS C 245 6.28 22.50 -0.46
CA LYS C 245 7.33 21.50 -0.59
C LYS C 245 7.11 20.60 -1.78
N TYR C 246 5.91 20.07 -1.95
CA TYR C 246 5.70 19.12 -3.02
C TYR C 246 4.37 19.37 -3.72
N ILE C 247 4.35 19.04 -5.00
CA ILE C 247 3.13 18.77 -5.74
C ILE C 247 2.97 17.26 -5.88
N ILE C 248 1.79 16.78 -5.54
CA ILE C 248 1.41 15.38 -5.65
C ILE C 248 0.38 15.26 -6.75
N LYS C 249 0.62 14.35 -7.67
CA LYS C 249 -0.31 14.06 -8.75
C LYS C 249 -0.86 12.64 -8.54
N PHE C 250 -2.18 12.52 -8.36
CA PHE C 250 -2.76 11.25 -7.93
C PHE C 250 -4.10 11.00 -8.61
N SER C 251 -4.61 9.78 -8.40
CA SER C 251 -5.93 9.36 -8.87
C SER C 251 -6.68 8.60 -7.79
N MET C 252 -7.95 8.89 -7.65
CA MET C 252 -8.73 8.09 -6.71
C MET C 252 -9.33 6.88 -7.41
N PRO C 253 -9.68 5.84 -6.65
CA PRO C 253 -10.27 4.63 -7.24
C PRO C 253 -11.39 4.88 -8.24
N GLY C 254 -12.18 5.95 -8.08
CA GLY C 254 -13.30 6.17 -8.98
C GLY C 254 -13.07 7.05 -10.21
N ASP C 255 -11.93 7.75 -10.30
CA ASP C 255 -11.69 8.63 -11.44
C ASP C 255 -11.58 7.83 -12.74
N GLN C 256 -11.93 8.48 -13.84
CA GLN C 256 -11.78 7.90 -15.16
C GLN C 256 -11.42 8.94 -16.20
PA NAI D . -17.10 -19.54 -13.77
O1A NAI D . -16.68 -19.10 -15.13
O2A NAI D . -16.29 -20.67 -13.11
O5B NAI D . -18.66 -19.91 -13.72
C5B NAI D . -19.23 -20.68 -12.64
C4B NAI D . -20.61 -20.16 -12.36
O4B NAI D . -21.35 -21.15 -11.60
C3B NAI D . -20.69 -18.84 -11.58
O3B NAI D . -21.39 -17.83 -12.29
C2B NAI D . -21.41 -19.22 -10.27
O2B NAI D . -22.36 -18.20 -9.97
C1B NAI D . -22.14 -20.50 -10.63
N9A NAI D . -22.35 -21.44 -9.52
C8A NAI D . -21.46 -21.75 -8.51
N7A NAI D . -21.91 -22.65 -7.67
C5A NAI D . -23.18 -22.94 -8.15
C6A NAI D . -24.20 -23.80 -7.68
N6A NAI D . -24.09 -24.56 -6.59
N1A NAI D . -25.35 -23.86 -8.40
C2A NAI D . -25.48 -23.08 -9.47
N3A NAI D . -24.60 -22.23 -10.01
C4A NAI D . -23.46 -22.20 -9.29
O3 NAI D . -17.03 -18.29 -12.79
PN NAI D . -17.63 -16.82 -12.75
O1N NAI D . -17.60 -16.35 -11.29
O2N NAI D . -18.98 -16.79 -13.36
O5D NAI D . -16.61 -16.03 -13.66
C5D NAI D . -15.19 -16.11 -13.48
C4D NAI D . -14.61 -14.93 -14.20
O4D NAI D . -15.44 -13.76 -13.96
C3D NAI D . -13.17 -14.57 -13.83
O3D NAI D . -12.28 -14.94 -14.88
C2D NAI D . -13.20 -13.03 -13.70
O2D NAI D . -12.84 -12.39 -14.93
C1D NAI D . -14.66 -12.74 -13.38
N1N NAI D . -14.96 -12.64 -11.94
C2N NAI D . -16.14 -13.11 -11.46
C3N NAI D . -16.72 -12.48 -10.40
C7N NAI D . -18.04 -12.95 -9.99
O7N NAI D . -18.82 -12.23 -9.35
N7N NAI D . -18.39 -14.20 -10.33
C4N NAI D . -15.96 -11.48 -9.58
C5N NAI D . -14.58 -11.31 -10.10
C6N NAI D . -14.08 -12.03 -11.10
C1 GOL E . 1.70 -18.33 -8.04
O1 GOL E . 2.80 -19.06 -7.48
C2 GOL E . 1.71 -18.35 -9.55
O2 GOL E . 0.56 -17.69 -10.05
C3 GOL E . 2.96 -17.71 -10.14
O3 GOL E . 2.95 -17.80 -11.55
C1 GOL F . -19.21 -4.63 0.51
O1 GOL F . -19.88 -5.51 1.39
C2 GOL F . -17.76 -5.02 0.33
O2 GOL F . -17.69 -6.31 -0.28
C3 GOL F . -16.98 -4.01 -0.49
O3 GOL F . -16.31 -3.08 0.34
C1 GOL G . 8.36 -18.70 -7.49
O1 GOL G . 9.45 -17.79 -7.35
C2 GOL G . 7.07 -17.97 -7.78
O2 GOL G . 7.15 -16.63 -7.29
C3 GOL G . 6.72 -17.96 -9.25
O3 GOL G . 6.13 -16.72 -9.65
PA NAI H . 26.09 -15.75 -3.66
O1A NAI H . 26.25 -17.21 -3.94
O2A NAI H . 25.06 -15.03 -4.55
O5B NAI H . 27.54 -15.07 -3.77
C5B NAI H . 27.74 -13.67 -3.48
C4B NAI H . 28.92 -13.58 -2.53
O4B NAI H . 29.57 -12.29 -2.69
C3B NAI H . 28.56 -13.69 -1.04
O3B NAI H . 29.62 -14.34 -0.36
C2B NAI H . 28.43 -12.22 -0.64
O2B NAI H . 28.62 -11.93 0.74
C1B NAI H . 29.61 -11.66 -1.43
N9A NAI H . 29.60 -10.22 -1.61
C8A NAI H . 28.53 -9.38 -1.85
N7A NAI H . 28.86 -8.12 -1.96
C5A NAI H . 30.24 -8.12 -1.78
C6A NAI H . 31.20 -7.09 -1.77
N6A NAI H . 30.92 -5.79 -1.95
N1A NAI H . 32.49 -7.44 -1.55
C2A NAI H . 32.80 -8.73 -1.36
N3A NAI H . 31.97 -9.78 -1.34
C4A NAI H . 30.70 -9.40 -1.56
O3 NAI H . 25.69 -15.45 -2.14
PN NAI H . 25.57 -16.29 -0.79
O1N NAI H . 24.75 -15.48 0.22
O2N NAI H . 26.90 -16.67 -0.27
O5D NAI H . 24.70 -17.50 -1.30
C5D NAI H . 23.30 -17.58 -1.02
C4D NAI H . 22.99 -19.05 -0.83
O4D NAI H . 23.37 -19.45 0.50
C3D NAI H . 21.51 -19.41 -1.02
O3D NAI H . 21.35 -20.25 -2.16
C2D NAI H . 21.11 -20.12 0.27
O2D NAI H . 21.21 -21.53 0.08
C1D NAI H . 22.21 -19.70 1.27
N1N NAI H . 21.89 -18.51 2.07
C2N NAI H . 22.87 -17.63 2.41
C3N NAI H . 22.78 -16.93 3.57
C7N NAI H . 23.90 -16.04 3.89
O7N NAI H . 24.77 -15.75 3.06
N7N NAI H . 23.94 -15.54 5.12
C4N NAI H . 21.50 -16.85 4.34
C5N NAI H . 20.45 -17.69 3.69
C6N NAI H . 20.62 -18.31 2.53
C1 GOL I . 18.74 -12.66 14.78
O1 GOL I . 17.81 -13.69 14.46
C2 GOL I . 18.60 -11.48 13.85
O2 GOL I . 17.26 -11.00 13.89
C3 GOL I . 19.56 -10.36 14.18
O3 GOL I . 19.15 -9.65 15.35
#